data_8AHV
#
_entry.id   8AHV
#
_cell.length_a   57.060
_cell.length_b   62.640
_cell.length_c   67.340
_cell.angle_alpha   105.416
_cell.angle_beta   93.706
_cell.angle_gamma   115.362
#
_symmetry.space_group_name_H-M   'P 1'
#
loop_
_entity.id
_entity.type
_entity.pdbx_description
1 polymer 'Cathepsin L'
2 non-polymer 'TRIETHYLENE GLYCOL'
3 non-polymer '(phenylmethyl) ~{N}-[(2~{S})-4-methyl-1-oxidanylidene-1-[[(2~{S},3~{S})-2-oxidanyl-1-oxidanylidene-1-(pyridin-2-ylmethylamino)hexan-3-yl]amino]pentan-2-yl]carbamate'
4 non-polymer 'DIMETHYL SULFOXIDE'
5 non-polymer 1,2-ETHANEDIOL
6 non-polymer DI(HYDROXYETHYL)ETHER
7 water water
#
_entity_poly.entity_id   1
_entity_poly.type   'polypeptide(L)'
_entity_poly.pdbx_seq_one_letter_code
;APRSVDWREKGYVTPVKNQGQCGSCWAFSATGALEGQMFRKTGRLISLSEQNLVDCSGPQGNEGCNGGLMDYAFQYVQDN
GGLDSEESYPYEATEESCKYNPKYSVANDAGFVDIPKQEKALMKAVATVGPISVAIDAGHESFLFYKEGIYFEPDCSSED
MDHGVLVVGYGFESTESDNNKYWLVKNSWGEEWGMGGYVKMAKDRRNHCGIASAASYPTV
;
_entity_poly.pdbx_strand_id   A,B,C,D
#
loop_
_chem_comp.id
_chem_comp.type
_chem_comp.name
_chem_comp.formula
DMS non-polymer 'DIMETHYL SULFOXIDE' 'C2 H6 O S'
EDO non-polymer 1,2-ETHANEDIOL 'C2 H6 O2'
M6L non-polymer '(phenylmethyl) ~{N}-[(2~{S})-4-methyl-1-oxidanylidene-1-[[(2~{S},3~{S})-2-oxidanyl-1-oxidanylidene-1-(pyridin-2-ylmethylamino)hexan-3-yl]amino]pentan-2-yl]carbamate' 'C26 H36 N4 O5'
PEG non-polymer DI(HYDROXYETHYL)ETHER 'C4 H10 O3'
PGE non-polymer 'TRIETHYLENE GLYCOL' 'C6 H14 O4'
#
# COMPACT_ATOMS: atom_id res chain seq x y z
N ALA A 1 18.80 -8.26 -9.10
CA ALA A 1 18.62 -6.99 -8.31
C ALA A 1 17.41 -7.17 -7.40
N PRO A 2 17.32 -6.40 -6.32
CA PRO A 2 16.15 -6.49 -5.45
C PRO A 2 14.87 -6.08 -6.16
N ARG A 3 13.75 -6.61 -5.66
CA ARG A 3 12.45 -6.27 -6.19
C ARG A 3 11.88 -5.00 -5.61
N SER A 4 12.34 -4.61 -4.43
CA SER A 4 11.93 -3.38 -3.74
C SER A 4 13.17 -2.73 -3.14
N VAL A 5 13.26 -1.41 -3.30
CA VAL A 5 14.34 -0.59 -2.76
C VAL A 5 13.71 0.70 -2.26
N ASP A 6 14.11 1.19 -1.08
CA ASP A 6 13.64 2.47 -0.58
C ASP A 6 14.77 3.10 0.26
N TRP A 7 15.54 4.00 -0.36
CA TRP A 7 16.67 4.56 0.36
C TRP A 7 16.26 5.45 1.52
N ARG A 8 14.98 5.85 1.61
CA ARG A 8 14.57 6.61 2.78
C ARG A 8 14.79 5.80 4.05
N GLU A 9 14.61 4.48 3.97
CA GLU A 9 14.78 3.61 5.12
C GLU A 9 16.22 3.50 5.56
N LYS A 10 17.16 3.85 4.69
CA LYS A 10 18.59 3.76 4.98
C LYS A 10 19.23 5.10 5.33
N GLY A 11 18.45 6.17 5.41
CA GLY A 11 18.92 7.46 5.87
C GLY A 11 19.48 8.39 4.83
N TYR A 12 19.25 8.12 3.55
CA TYR A 12 19.86 8.82 2.44
C TYR A 12 19.08 10.06 1.99
N VAL A 13 17.92 10.33 2.58
CA VAL A 13 16.95 11.23 1.97
C VAL A 13 16.43 12.22 3.00
N THR A 14 16.54 13.52 2.68
CA THR A 14 16.00 14.57 3.50
C THR A 14 14.48 14.63 3.31
N PRO A 15 13.77 15.37 4.17
CA PRO A 15 12.33 15.59 3.94
C PRO A 15 12.06 16.28 2.63
N VAL A 16 10.79 16.16 2.19
CA VAL A 16 10.32 16.88 1.00
C VAL A 16 10.43 18.38 1.23
N LYS A 17 10.90 19.06 0.20
CA LYS A 17 11.06 20.51 0.12
C LYS A 17 10.06 21.08 -0.89
N ASN A 18 10.05 22.41 -1.00
CA ASN A 18 9.06 23.11 -1.83
C ASN A 18 9.77 24.24 -2.55
N GLN A 19 9.90 24.07 -3.83
CA GLN A 19 10.65 25.02 -4.70
C GLN A 19 9.87 26.30 -4.92
N GLY A 20 8.62 26.39 -4.56
CA GLY A 20 7.90 27.63 -4.76
C GLY A 20 7.71 27.92 -6.24
N GLN A 21 7.64 29.20 -6.59
CA GLN A 21 7.31 29.63 -7.95
C GLN A 21 8.55 29.99 -8.76
N CYS A 22 9.64 29.25 -8.54
CA CYS A 22 10.89 29.35 -9.27
C CYS A 22 11.08 28.03 -10.01
N GLY A 23 11.54 28.11 -11.25
CA GLY A 23 11.78 26.94 -12.05
C GLY A 23 13.09 26.24 -11.71
N SER A 24 13.19 25.80 -10.46
CA SER A 24 14.43 25.27 -9.90
C SER A 24 14.34 23.80 -9.55
N CYS A 25 13.40 23.07 -10.14
CA CYS A 25 13.30 21.63 -9.86
C CYS A 25 14.64 20.93 -10.09
N TRP A 26 15.38 21.33 -11.13
CA TRP A 26 16.67 20.74 -11.40
C TRP A 26 17.60 20.87 -10.20
N ALA A 27 17.50 21.97 -9.46
CA ALA A 27 18.38 22.17 -8.32
C ALA A 27 17.98 21.28 -7.16
N PHE A 28 16.68 21.05 -6.97
CA PHE A 28 16.21 20.16 -5.90
C PHE A 28 16.53 18.71 -6.22
N SER A 29 16.42 18.30 -7.48
CA SER A 29 16.85 16.97 -7.87
C SER A 29 18.33 16.76 -7.60
N ALA A 30 19.15 17.75 -7.99
CA ALA A 30 20.59 17.64 -7.79
C ALA A 30 20.97 17.60 -6.32
N THR A 31 20.40 18.49 -5.49
CA THR A 31 20.74 18.43 -4.07
C THR A 31 20.30 17.10 -3.45
N GLY A 32 19.16 16.59 -3.88
CA GLY A 32 18.72 15.31 -3.39
C GLY A 32 19.69 14.20 -3.71
N ALA A 33 20.16 14.14 -4.96
CA ALA A 33 21.13 13.10 -5.33
C ALA A 33 22.44 13.28 -4.57
N LEU A 34 22.90 14.51 -4.40
CA LEU A 34 24.15 14.75 -3.68
C LEU A 34 24.01 14.57 -2.18
N GLU A 35 22.84 14.92 -1.61
CA GLU A 35 22.55 14.56 -0.23
C GLU A 35 22.72 13.07 -0.01
N GLY A 36 22.33 12.26 -1.01
CA GLY A 36 22.36 10.83 -0.88
C GLY A 36 23.78 10.29 -0.98
N GLN A 37 24.58 10.84 -1.90
CA GLN A 37 25.96 10.36 -2.05
C GLN A 37 26.84 10.88 -0.91
N MET A 38 26.59 12.09 -0.44
CA MET A 38 27.34 12.56 0.72
C MET A 38 27.05 11.68 1.93
N PHE A 39 25.80 11.30 2.13
CA PHE A 39 25.48 10.42 3.23
C PHE A 39 26.17 9.07 3.09
N ARG A 40 26.14 8.49 1.89
CA ARG A 40 26.82 7.22 1.62
C ARG A 40 28.26 7.27 2.08
N LYS A 41 28.90 8.41 1.87
CA LYS A 41 30.33 8.56 2.13
C LYS A 41 30.60 8.85 3.60
N THR A 42 29.90 9.81 4.18
CA THR A 42 30.22 10.27 5.52
C THR A 42 29.31 9.73 6.61
N GLY A 43 28.18 9.13 6.25
CA GLY A 43 27.21 8.76 7.26
C GLY A 43 26.44 9.89 7.88
N ARG A 44 26.58 11.12 7.38
N ARG A 44 26.52 11.11 7.32
CA ARG A 44 25.84 12.28 7.87
CA ARG A 44 25.84 12.28 7.86
C ARG A 44 24.95 12.81 6.76
C ARG A 44 24.95 12.87 6.78
N LEU A 45 23.66 12.97 7.06
CA LEU A 45 22.70 13.56 6.12
C LEU A 45 22.60 15.05 6.42
N ILE A 46 23.00 15.89 5.44
CA ILE A 46 22.94 17.34 5.58
C ILE A 46 22.16 17.90 4.39
N SER A 47 21.10 18.64 4.69
CA SER A 47 20.33 19.31 3.64
C SER A 47 21.17 20.40 2.96
N LEU A 48 21.17 20.41 1.64
CA LEU A 48 22.05 21.25 0.83
C LEU A 48 21.28 22.39 0.18
N SER A 49 22.00 23.43 -0.22
CA SER A 49 21.38 24.68 -0.66
C SER A 49 21.06 24.66 -2.15
N GLU A 50 19.76 24.54 -2.47
CA GLU A 50 19.30 24.78 -3.83
C GLU A 50 19.55 26.22 -4.24
N GLN A 51 19.42 27.17 -3.31
CA GLN A 51 19.65 28.57 -3.70
C GLN A 51 21.07 28.78 -4.20
N ASN A 52 22.04 28.11 -3.57
CA ASN A 52 23.43 28.13 -4.02
C ASN A 52 23.53 27.75 -5.48
N LEU A 53 22.85 26.68 -5.88
CA LEU A 53 22.88 26.24 -7.26
C LEU A 53 22.17 27.23 -8.18
N VAL A 54 21.01 27.73 -7.76
CA VAL A 54 20.24 28.67 -8.58
C VAL A 54 21.03 29.93 -8.84
N ASP A 55 21.71 30.46 -7.83
CA ASP A 55 22.39 31.74 -8.00
C ASP A 55 23.73 31.60 -8.72
N CYS A 56 24.40 30.44 -8.62
CA CYS A 56 25.83 30.37 -8.92
C CYS A 56 26.26 29.43 -10.05
N SER A 57 25.42 28.49 -10.48
CA SER A 57 25.84 27.49 -11.45
C SER A 57 25.52 27.89 -12.90
N GLY A 58 25.24 29.17 -13.15
CA GLY A 58 25.09 29.66 -14.49
C GLY A 58 26.28 29.39 -15.39
N PRO A 59 27.51 29.51 -14.89
CA PRO A 59 28.67 29.23 -15.76
C PRO A 59 28.76 27.80 -16.24
N GLN A 60 28.09 26.86 -15.57
CA GLN A 60 28.04 25.49 -16.04
C GLN A 60 26.89 25.24 -17.02
N GLY A 61 26.05 26.23 -17.31
CA GLY A 61 24.96 26.09 -18.27
C GLY A 61 23.57 26.30 -17.68
N ASN A 62 23.42 26.38 -16.37
CA ASN A 62 22.11 26.52 -15.78
C ASN A 62 21.62 27.95 -15.90
N GLU A 63 20.30 28.11 -15.81
CA GLU A 63 19.62 29.39 -16.04
C GLU A 63 18.67 29.71 -14.89
N GLY A 64 19.08 29.33 -13.67
CA GLY A 64 18.37 29.79 -12.50
C GLY A 64 16.92 29.36 -12.47
N CYS A 65 16.05 30.31 -12.17
CA CYS A 65 14.63 30.04 -12.09
C CYS A 65 14.02 29.76 -13.46
N ASN A 66 14.79 29.95 -14.53
CA ASN A 66 14.35 29.64 -15.88
C ASN A 66 14.75 28.24 -16.32
N GLY A 67 15.33 27.45 -15.44
CA GLY A 67 15.65 26.06 -15.72
C GLY A 67 17.12 25.76 -15.63
N GLY A 68 17.40 24.46 -15.61
CA GLY A 68 18.75 23.96 -15.51
C GLY A 68 18.75 22.45 -15.67
N LEU A 69 19.93 21.88 -15.44
CA LEU A 69 20.13 20.44 -15.51
C LEU A 69 20.95 19.96 -14.33
N MET A 70 20.61 18.78 -13.81
CA MET A 70 21.30 18.26 -12.65
C MET A 70 22.79 18.05 -12.92
N ASP A 71 23.14 17.62 -14.14
CA ASP A 71 24.55 17.40 -14.45
C ASP A 71 25.34 18.70 -14.41
N TYR A 72 24.73 19.79 -14.87
CA TYR A 72 25.35 21.11 -14.72
C TYR A 72 25.56 21.46 -13.25
N ALA A 73 24.58 21.15 -12.38
CA ALA A 73 24.78 21.41 -10.95
C ALA A 73 25.91 20.54 -10.39
N PHE A 74 25.99 19.27 -10.81
CA PHE A 74 27.06 18.42 -10.34
C PHE A 74 28.41 18.97 -10.81
N GLN A 75 28.46 19.47 -12.05
CA GLN A 75 29.67 20.11 -12.58
C GLN A 75 30.05 21.32 -11.72
N TYR A 76 29.07 22.16 -11.38
CA TYR A 76 29.34 23.34 -10.56
C TYR A 76 29.98 22.95 -9.24
N VAL A 77 29.40 21.97 -8.55
CA VAL A 77 29.94 21.64 -7.23
C VAL A 77 31.41 21.23 -7.37
N GLN A 78 31.74 20.55 -8.45
CA GLN A 78 33.13 20.13 -8.67
C GLN A 78 34.01 21.33 -9.03
N ASP A 79 33.62 22.09 -10.04
CA ASP A 79 34.36 23.28 -10.44
C ASP A 79 34.54 24.25 -9.27
N ASN A 80 33.47 24.45 -8.52
CA ASN A 80 33.43 25.42 -7.44
C ASN A 80 34.16 24.93 -6.22
N GLY A 81 34.38 23.62 -6.10
CA GLY A 81 35.00 23.07 -4.93
C GLY A 81 34.11 22.99 -3.71
N GLY A 82 32.79 22.98 -3.88
CA GLY A 82 31.94 22.92 -2.71
C GLY A 82 30.51 23.38 -2.99
N LEU A 83 29.70 23.23 -1.95
CA LEU A 83 28.28 23.57 -1.96
C LEU A 83 27.83 23.81 -0.51
N ASP A 84 27.19 24.97 -0.27
CA ASP A 84 26.80 25.37 1.06
C ASP A 84 25.58 24.57 1.53
N SER A 85 25.41 24.51 2.85
CA SER A 85 24.27 23.80 3.41
C SER A 85 23.00 24.62 3.23
N GLU A 86 21.87 23.91 3.30
CA GLU A 86 20.57 24.58 3.26
C GLU A 86 20.44 25.62 4.36
N GLU A 87 20.91 25.27 5.56
CA GLU A 87 20.74 26.14 6.72
C GLU A 87 21.55 27.41 6.54
N SER A 88 22.72 27.32 5.90
CA SER A 88 23.60 28.48 5.74
C SER A 88 23.19 29.36 4.57
N TYR A 89 22.51 28.80 3.58
CA TYR A 89 22.22 29.48 2.31
C TYR A 89 20.78 29.12 1.96
N PRO A 90 19.81 29.67 2.69
CA PRO A 90 18.44 29.18 2.57
C PRO A 90 17.77 29.56 1.26
N TYR A 91 16.68 28.85 1.01
CA TYR A 91 15.98 28.93 -0.25
C TYR A 91 15.03 30.11 -0.26
N GLU A 92 15.16 30.96 -1.27
CA GLU A 92 14.31 32.12 -1.42
C GLU A 92 13.39 32.05 -2.63
N ALA A 93 13.57 31.06 -3.52
CA ALA A 93 12.76 30.92 -4.74
C ALA A 93 12.86 32.14 -5.67
N THR A 94 13.98 32.83 -5.67
CA THR A 94 14.18 33.88 -6.66
C THR A 94 15.68 33.94 -6.99
N GLU A 95 16.00 34.30 -8.23
CA GLU A 95 17.39 34.34 -8.63
C GLU A 95 18.02 35.62 -8.09
N GLU A 96 19.17 35.49 -7.44
CA GLU A 96 19.93 36.60 -6.90
C GLU A 96 21.39 36.38 -7.26
N SER A 97 22.25 37.34 -6.93
CA SER A 97 23.67 37.15 -7.15
C SER A 97 24.19 36.02 -6.27
N CYS A 98 25.31 35.42 -6.71
N CYS A 98 25.30 35.42 -6.73
CA CYS A 98 25.88 34.29 -6.01
CA CYS A 98 25.94 34.33 -6.01
C CYS A 98 26.51 34.74 -4.69
C CYS A 98 26.46 34.80 -4.66
N LYS A 99 26.11 34.08 -3.61
CA LYS A 99 26.66 34.33 -2.28
C LYS A 99 27.34 33.11 -1.69
N TYR A 100 27.84 32.22 -2.52
CA TYR A 100 28.56 31.07 -2.02
C TYR A 100 29.68 31.49 -1.09
N ASN A 101 29.84 30.73 -0.01
CA ASN A 101 30.86 30.96 1.00
C ASN A 101 31.50 29.62 1.33
N PRO A 102 32.75 29.40 0.95
CA PRO A 102 33.36 28.09 1.16
C PRO A 102 33.42 27.67 2.63
N LYS A 103 33.43 28.60 3.57
CA LYS A 103 33.47 28.19 4.98
C LYS A 103 32.27 27.33 5.33
N TYR A 104 31.17 27.52 4.62
CA TYR A 104 29.94 26.81 4.94
C TYR A 104 29.65 25.70 3.94
N SER A 105 30.62 25.31 3.14
CA SER A 105 30.43 24.20 2.21
C SER A 105 30.41 22.90 3.00
N VAL A 106 29.42 22.05 2.73
CA VAL A 106 29.33 20.77 3.42
C VAL A 106 29.29 19.60 2.45
N ALA A 107 29.50 19.85 1.17
CA ALA A 107 29.47 18.78 0.18
C ALA A 107 30.42 19.09 -0.97
N ASN A 108 30.83 18.03 -1.66
CA ASN A 108 31.71 18.11 -2.80
C ASN A 108 31.35 16.97 -3.74
N ASP A 109 31.79 17.08 -4.99
CA ASP A 109 31.80 15.93 -5.86
C ASP A 109 32.90 16.09 -6.90
N ALA A 110 33.26 14.96 -7.48
CA ALA A 110 34.32 14.89 -8.48
C ALA A 110 33.77 14.50 -9.84
N GLY A 111 32.64 15.10 -10.23
CA GLY A 111 31.99 14.78 -11.46
C GLY A 111 30.69 14.03 -11.23
N PHE A 112 30.32 13.28 -12.25
CA PHE A 112 29.04 12.60 -12.23
C PHE A 112 29.00 11.47 -13.25
N VAL A 113 27.94 10.67 -13.19
CA VAL A 113 27.75 9.52 -14.06
C VAL A 113 26.38 9.61 -14.71
N ASP A 114 26.33 9.45 -16.02
CA ASP A 114 25.10 9.42 -16.78
C ASP A 114 24.73 7.97 -17.03
N ILE A 115 23.52 7.59 -16.65
CA ILE A 115 23.10 6.21 -16.74
C ILE A 115 22.62 5.93 -18.16
N PRO A 116 22.96 4.75 -18.71
CA PRO A 116 22.39 4.35 -19.99
C PRO A 116 20.87 4.54 -19.99
N LYS A 117 20.33 4.90 -21.15
N LYS A 117 20.35 4.88 -21.17
CA LYS A 117 18.93 5.29 -21.25
CA LYS A 117 18.95 5.25 -21.36
C LYS A 117 18.02 4.06 -21.38
C LYS A 117 18.03 4.04 -21.39
N GLN A 118 18.10 3.20 -20.36
CA GLN A 118 17.20 2.07 -20.21
C GLN A 118 16.74 1.93 -18.78
N GLU A 119 15.47 1.53 -18.61
CA GLU A 119 14.96 1.30 -17.26
C GLU A 119 15.74 0.19 -16.56
N LYS A 120 16.27 -0.79 -17.31
CA LYS A 120 17.09 -1.82 -16.70
C LYS A 120 18.33 -1.23 -16.04
N ALA A 121 18.99 -0.29 -16.71
CA ALA A 121 20.18 0.33 -16.13
C ALA A 121 19.80 1.27 -14.99
N LEU A 122 18.69 1.99 -15.12
CA LEU A 122 18.21 2.80 -14.00
C LEU A 122 17.96 1.93 -12.78
N MET A 123 17.31 0.79 -12.97
CA MET A 123 17.06 -0.09 -11.85
C MET A 123 18.38 -0.50 -11.18
N LYS A 124 19.36 -0.95 -11.97
CA LYS A 124 20.62 -1.38 -11.36
C LYS A 124 21.29 -0.23 -10.62
N ALA A 125 21.20 0.99 -11.16
CA ALA A 125 21.81 2.14 -10.49
C ALA A 125 21.11 2.47 -9.17
N VAL A 126 19.77 2.49 -9.17
CA VAL A 126 19.06 2.76 -7.92
C VAL A 126 19.39 1.69 -6.88
N ALA A 127 19.52 0.43 -7.30
CA ALA A 127 19.74 -0.65 -6.36
C ALA A 127 21.12 -0.58 -5.70
N THR A 128 22.12 0.01 -6.35
CA THR A 128 23.48 -0.07 -5.86
C THR A 128 24.06 1.25 -5.36
N VAL A 129 23.62 2.36 -5.93
CA VAL A 129 24.24 3.67 -5.73
C VAL A 129 23.53 4.46 -4.66
N GLY A 130 22.21 4.58 -4.81
CA GLY A 130 21.42 5.43 -3.97
C GLY A 130 20.42 6.20 -4.82
N PRO A 131 19.87 7.27 -4.25
CA PRO A 131 18.92 8.09 -5.01
C PRO A 131 19.54 8.65 -6.26
N ILE A 132 18.77 8.69 -7.34
CA ILE A 132 19.23 9.05 -8.67
C ILE A 132 18.43 10.24 -9.20
N SER A 133 19.13 11.23 -9.73
CA SER A 133 18.45 12.34 -10.42
C SER A 133 17.92 11.89 -11.77
N VAL A 134 16.69 12.29 -12.08
CA VAL A 134 16.06 11.95 -13.34
C VAL A 134 15.23 13.13 -13.82
N ALA A 135 14.97 13.16 -15.12
CA ALA A 135 14.04 14.10 -15.74
C ALA A 135 12.79 13.36 -16.21
N ILE A 136 11.63 13.98 -16.03
CA ILE A 136 10.36 13.39 -16.47
C ILE A 136 9.49 14.44 -17.16
N ASP A 137 8.53 13.95 -17.96
CA ASP A 137 7.43 14.77 -18.49
C ASP A 137 6.36 14.89 -17.41
N ALA A 138 6.35 16.01 -16.71
CA ALA A 138 5.37 16.31 -15.67
C ALA A 138 4.29 17.28 -16.15
N GLY A 139 4.20 17.54 -17.45
CA GLY A 139 3.25 18.51 -17.96
C GLY A 139 1.88 17.96 -18.29
N HIS A 140 1.11 17.58 -17.27
CA HIS A 140 -0.20 16.97 -17.46
C HIS A 140 -1.01 17.20 -16.20
N GLU A 141 -2.25 17.62 -16.37
CA GLU A 141 -3.19 17.82 -15.27
C GLU A 141 -3.10 16.65 -14.28
N SER A 142 -3.02 15.43 -14.80
CA SER A 142 -3.00 14.23 -13.96
C SER A 142 -1.88 14.28 -12.95
N PHE A 143 -0.73 14.82 -13.34
CA PHE A 143 0.41 14.91 -12.43
C PHE A 143 0.14 15.90 -11.31
N LEU A 144 -0.58 16.99 -11.61
CA LEU A 144 -0.89 17.95 -10.56
C LEU A 144 -1.78 17.36 -9.48
N PHE A 145 -2.74 16.53 -9.87
CA PHE A 145 -3.77 16.07 -8.95
C PHE A 145 -3.48 14.68 -8.42
N TYR A 146 -2.31 14.13 -8.74
CA TYR A 146 -1.91 12.82 -8.22
C TYR A 146 -2.04 12.75 -6.70
N LYS A 147 -2.61 11.64 -6.21
CA LYS A 147 -2.79 11.48 -4.78
C LYS A 147 -2.25 10.16 -4.27
N GLU A 148 -2.33 9.12 -5.09
CA GLU A 148 -1.92 7.79 -4.66
C GLU A 148 -1.92 6.87 -5.86
N GLY A 149 -1.37 5.69 -5.67
CA GLY A 149 -1.34 4.71 -6.72
C GLY A 149 -0.17 4.88 -7.64
N ILE A 150 -0.16 4.08 -8.69
CA ILE A 150 0.91 4.12 -9.67
C ILE A 150 0.49 5.09 -10.76
N TYR A 151 1.24 6.16 -10.90
CA TYR A 151 0.97 7.17 -11.89
C TYR A 151 1.21 6.64 -13.29
N PHE A 152 0.19 6.74 -14.15
CA PHE A 152 0.35 6.44 -15.56
C PHE A 152 -0.49 7.41 -16.37
N GLU A 153 0.14 8.06 -17.32
CA GLU A 153 -0.48 9.10 -18.16
C GLU A 153 -0.25 8.72 -19.62
N PRO A 154 -1.28 8.29 -20.35
CA PRO A 154 -1.03 7.75 -21.70
C PRO A 154 -0.41 8.75 -22.67
N ASP A 155 -0.60 10.05 -22.45
CA ASP A 155 -0.03 11.04 -23.35
C ASP A 155 1.37 11.48 -22.93
N CYS A 156 2.02 10.74 -22.04
CA CYS A 156 3.33 11.12 -21.54
C CYS A 156 4.41 10.81 -22.55
N SER A 157 5.32 11.76 -22.75
CA SER A 157 6.41 11.58 -23.69
C SER A 157 7.64 10.99 -23.03
N SER A 158 8.40 10.21 -23.79
N SER A 158 8.39 10.22 -23.79
CA SER A 158 9.62 9.58 -23.32
CA SER A 158 9.62 9.58 -23.32
C SER A 158 10.88 10.27 -23.83
C SER A 158 10.89 10.26 -23.84
N GLU A 159 10.74 11.37 -24.56
CA GLU A 159 11.88 12.17 -25.01
C GLU A 159 11.77 13.63 -24.64
N ASP A 160 10.56 14.14 -24.35
CA ASP A 160 10.33 15.53 -24.01
C ASP A 160 10.05 15.64 -22.53
N MET A 161 11.12 15.57 -21.74
CA MET A 161 11.05 15.74 -20.30
C MET A 161 11.18 17.22 -19.98
N ASP A 162 10.38 17.68 -19.01
CA ASP A 162 10.39 19.08 -18.59
C ASP A 162 10.67 19.31 -17.11
N HIS A 163 10.94 18.26 -16.32
CA HIS A 163 10.90 18.37 -14.87
C HIS A 163 11.92 17.43 -14.23
N GLY A 164 12.71 17.96 -13.31
CA GLY A 164 13.71 17.18 -12.61
C GLY A 164 13.21 16.74 -11.24
N VAL A 165 13.44 15.46 -10.93
CA VAL A 165 13.00 14.85 -9.68
C VAL A 165 14.03 13.80 -9.27
N LEU A 166 13.71 13.01 -8.26
CA LEU A 166 14.71 12.17 -7.60
C LEU A 166 14.09 10.80 -7.38
N VAL A 167 14.66 9.76 -7.97
CA VAL A 167 14.22 8.40 -7.72
C VAL A 167 14.91 7.91 -6.46
N VAL A 168 14.12 7.56 -5.44
CA VAL A 168 14.67 7.10 -4.17
C VAL A 168 14.45 5.61 -3.95
N GLY A 169 13.88 4.92 -4.93
CA GLY A 169 13.64 3.50 -4.79
C GLY A 169 12.67 3.04 -5.86
N TYR A 170 12.17 1.82 -5.67
CA TYR A 170 11.22 1.22 -6.58
C TYR A 170 10.57 0.06 -5.83
N GLY A 171 9.47 -0.42 -6.39
CA GLY A 171 8.66 -1.42 -5.70
C GLY A 171 7.51 -1.89 -6.56
N PHE A 172 6.55 -2.53 -5.91
CA PHE A 172 5.43 -3.11 -6.62
C PHE A 172 4.22 -3.07 -5.71
N GLU A 173 3.05 -3.03 -6.32
CA GLU A 173 1.80 -3.29 -5.64
C GLU A 173 0.81 -3.80 -6.66
N SER A 174 -0.09 -4.68 -6.24
CA SER A 174 -1.07 -5.21 -7.17
C SER A 174 -2.02 -4.16 -7.67
N THR A 175 -2.32 -4.22 -8.95
CA THR A 175 -3.19 -3.22 -9.56
C THR A 175 -4.17 -3.90 -10.48
N GLU A 176 -5.23 -3.16 -10.82
CA GLU A 176 -6.24 -3.67 -11.73
C GLU A 176 -5.63 -4.13 -13.04
N SER A 177 -4.73 -3.34 -13.60
CA SER A 177 -4.20 -3.59 -14.93
C SER A 177 -3.00 -4.53 -14.92
N ASP A 178 -2.50 -4.88 -13.74
CA ASP A 178 -1.36 -5.78 -13.56
C ASP A 178 -0.07 -5.18 -14.08
N ASN A 179 -0.06 -3.86 -14.21
CA ASN A 179 1.17 -3.07 -14.36
C ASN A 179 1.49 -2.62 -12.95
N ASN A 180 2.30 -3.44 -12.25
CA ASN A 180 2.40 -3.38 -10.79
C ASN A 180 3.68 -2.74 -10.29
N LYS A 181 4.62 -2.43 -11.17
CA LYS A 181 5.91 -1.95 -10.76
C LYS A 181 5.95 -0.43 -10.84
N TYR A 182 6.66 0.19 -9.90
CA TYR A 182 6.81 1.64 -9.87
C TYR A 182 8.19 2.06 -9.41
N TRP A 183 8.59 3.23 -9.89
CA TRP A 183 9.66 4.03 -9.31
C TRP A 183 9.10 4.91 -8.19
N LEU A 184 9.82 4.96 -7.07
CA LEU A 184 9.43 5.83 -5.96
C LEU A 184 10.16 7.17 -6.11
N VAL A 185 9.41 8.24 -6.31
CA VAL A 185 9.97 9.50 -6.82
C VAL A 185 9.65 10.62 -5.84
N LYS A 186 10.69 11.30 -5.38
CA LYS A 186 10.57 12.48 -4.54
C LYS A 186 10.43 13.71 -5.44
N ASN A 187 9.39 14.49 -5.23
CA ASN A 187 9.18 15.74 -5.94
C ASN A 187 9.60 16.91 -5.06
N SER A 188 9.46 18.12 -5.58
CA SER A 188 9.83 19.31 -4.84
C SER A 188 8.68 20.31 -4.75
N TRP A 189 7.45 19.82 -4.62
CA TRP A 189 6.25 20.65 -4.54
C TRP A 189 5.60 20.60 -3.16
N GLY A 190 6.38 20.26 -2.13
CA GLY A 190 5.87 20.20 -0.78
C GLY A 190 5.15 18.89 -0.48
N GLU A 191 4.86 18.73 0.80
CA GLU A 191 4.23 17.53 1.32
C GLU A 191 2.78 17.39 0.92
N GLU A 192 2.11 18.48 0.57
CA GLU A 192 0.69 18.44 0.27
C GLU A 192 0.42 17.87 -1.11
N TRP A 193 1.41 17.87 -1.98
CA TRP A 193 1.28 17.28 -3.30
C TRP A 193 1.46 15.77 -3.23
N GLY A 194 0.68 15.04 -4.01
CA GLY A 194 0.88 13.60 -4.11
C GLY A 194 0.80 12.90 -2.77
N MET A 195 1.66 11.90 -2.56
N MET A 195 1.64 11.89 -2.58
CA MET A 195 1.65 11.05 -1.36
CA MET A 195 1.64 11.07 -1.36
C MET A 195 2.75 11.55 -0.42
C MET A 195 2.75 11.59 -0.45
N GLY A 196 2.42 12.59 0.35
CA GLY A 196 3.40 13.22 1.19
C GLY A 196 4.54 13.83 0.38
N GLY A 197 4.26 14.24 -0.86
CA GLY A 197 5.25 14.83 -1.73
C GLY A 197 5.95 13.85 -2.66
N TYR A 198 5.59 12.58 -2.61
CA TYR A 198 6.14 11.53 -3.45
C TYR A 198 5.12 11.10 -4.49
N VAL A 199 5.62 10.48 -5.55
CA VAL A 199 4.78 9.82 -6.54
C VAL A 199 5.38 8.46 -6.88
N LYS A 200 4.53 7.47 -7.09
CA LYS A 200 4.94 6.18 -7.65
C LYS A 200 4.71 6.25 -9.15
N MET A 201 5.80 6.36 -9.92
CA MET A 201 5.75 6.45 -11.37
C MET A 201 5.84 5.05 -11.99
N ALA A 202 5.07 4.85 -13.04
CA ALA A 202 5.06 3.56 -13.72
C ALA A 202 6.46 3.15 -14.17
N LYS A 203 6.81 1.90 -13.83
CA LYS A 203 8.11 1.30 -14.10
C LYS A 203 7.98 0.12 -15.05
N ASP A 204 8.89 0.08 -16.02
CA ASP A 204 8.92 -0.97 -17.04
C ASP A 204 7.69 -0.91 -17.94
N ARG A 205 7.26 0.32 -18.23
CA ARG A 205 6.16 0.59 -19.15
C ARG A 205 6.66 1.48 -20.25
N ARG A 206 7.67 1.02 -21.00
CA ARG A 206 8.20 1.75 -22.14
C ARG A 206 8.77 3.10 -21.74
N ASN A 207 9.55 3.11 -20.65
CA ASN A 207 10.19 4.33 -20.18
C ASN A 207 9.15 5.44 -20.05
N HIS A 208 8.15 5.16 -19.21
CA HIS A 208 7.03 6.06 -19.06
C HIS A 208 7.48 7.43 -18.57
N CYS A 209 7.03 8.46 -19.29
CA CYS A 209 7.38 9.87 -19.07
C CYS A 209 8.88 10.11 -19.12
N GLY A 210 9.64 9.19 -19.71
CA GLY A 210 11.04 9.41 -19.97
C GLY A 210 11.94 9.34 -18.75
N ILE A 211 11.48 8.67 -17.69
CA ILE A 211 12.21 8.68 -16.42
C ILE A 211 13.60 8.11 -16.54
N ALA A 212 13.86 7.26 -17.54
CA ALA A 212 15.19 6.72 -17.70
C ALA A 212 16.02 7.44 -18.76
N SER A 213 15.48 8.47 -19.43
CA SER A 213 16.20 9.08 -20.56
C SER A 213 17.34 9.99 -20.09
N ALA A 214 17.23 10.60 -18.92
CA ALA A 214 18.21 11.58 -18.47
C ALA A 214 18.52 11.37 -16.98
N ALA A 215 19.01 10.20 -16.64
CA ALA A 215 19.27 9.84 -15.26
C ALA A 215 20.76 9.92 -14.97
N SER A 216 21.10 10.37 -13.78
CA SER A 216 22.51 10.59 -13.44
C SER A 216 22.67 10.76 -11.94
N TYR A 217 23.92 10.69 -11.49
CA TYR A 217 24.22 10.92 -10.09
C TYR A 217 25.63 11.48 -9.95
N PRO A 218 25.92 12.13 -8.82
CA PRO A 218 27.24 12.72 -8.62
C PRO A 218 28.22 11.69 -8.06
N THR A 219 29.48 11.86 -8.42
CA THR A 219 30.56 11.00 -7.93
C THR A 219 31.15 11.62 -6.68
N VAL A 220 31.04 10.90 -5.57
CA VAL A 220 31.51 11.40 -4.28
C VAL A 220 32.60 10.50 -3.70
N ALA B 1 -5.50 -17.62 10.55
CA ALA B 1 -4.95 -18.73 9.71
C ALA B 1 -4.71 -19.98 10.55
N PRO B 2 -4.88 -21.16 9.97
CA PRO B 2 -4.56 -22.40 10.70
C PRO B 2 -3.10 -22.44 11.10
N ARG B 3 -2.81 -23.30 12.07
CA ARG B 3 -1.44 -23.45 12.55
C ARG B 3 -0.58 -24.19 11.53
N SER B 4 -1.17 -25.08 10.74
CA SER B 4 -0.45 -25.78 9.68
C SER B 4 -1.36 -25.97 8.47
N VAL B 5 -0.76 -25.92 7.28
CA VAL B 5 -1.44 -26.04 6.00
C VAL B 5 -0.61 -26.96 5.11
N ASP B 6 -1.28 -27.85 4.36
CA ASP B 6 -0.61 -28.69 3.37
C ASP B 6 -1.64 -28.96 2.26
N TRP B 7 -1.56 -28.16 1.20
CA TRP B 7 -2.54 -28.28 0.13
C TRP B 7 -2.44 -29.58 -0.65
N ARG B 8 -1.38 -30.37 -0.48
CA ARG B 8 -1.35 -31.66 -1.16
C ARG B 8 -2.47 -32.57 -0.65
N GLU B 9 -2.87 -32.42 0.61
CA GLU B 9 -3.89 -33.27 1.19
C GLU B 9 -5.29 -32.90 0.70
N LYS B 10 -5.44 -31.73 0.10
CA LYS B 10 -6.71 -31.30 -0.47
C LYS B 10 -6.82 -31.48 -1.98
N GLY B 11 -5.79 -31.99 -2.66
CA GLY B 11 -5.90 -32.27 -4.08
C GLY B 11 -5.43 -31.17 -4.99
N TYR B 12 -4.70 -30.20 -4.47
CA TYR B 12 -4.32 -29.00 -5.23
C TYR B 12 -3.00 -29.14 -5.98
N VAL B 13 -2.25 -30.22 -5.77
CA VAL B 13 -0.83 -30.25 -6.12
C VAL B 13 -0.51 -31.51 -6.91
N THR B 14 0.12 -31.32 -8.09
CA THR B 14 0.59 -32.40 -8.93
C THR B 14 1.87 -33.00 -8.33
N PRO B 15 2.30 -34.18 -8.80
CA PRO B 15 3.57 -34.72 -8.34
C PRO B 15 4.73 -33.83 -8.73
N VAL B 16 5.87 -34.06 -8.06
CA VAL B 16 7.08 -33.31 -8.36
C VAL B 16 7.54 -33.64 -9.77
N LYS B 17 7.96 -32.60 -10.47
CA LYS B 17 8.49 -32.66 -11.83
C LYS B 17 9.98 -32.34 -11.81
N ASN B 18 10.61 -32.57 -12.96
CA ASN B 18 12.05 -32.36 -13.10
C ASN B 18 12.31 -31.51 -14.33
N GLN B 19 12.74 -30.31 -14.10
CA GLN B 19 13.01 -29.34 -15.17
C GLN B 19 14.26 -29.71 -15.97
N GLY B 20 15.11 -30.57 -15.44
CA GLY B 20 16.30 -30.93 -16.20
C GLY B 20 17.25 -29.75 -16.37
N GLN B 21 18.01 -29.79 -17.45
CA GLN B 21 19.10 -28.84 -17.68
C GLN B 21 18.60 -27.71 -18.58
N CYS B 22 17.68 -26.95 -18.03
CA CYS B 22 17.04 -25.83 -18.73
C CYS B 22 16.61 -24.88 -17.62
N GLY B 23 16.80 -23.58 -17.83
CA GLY B 23 16.58 -22.59 -16.78
C GLY B 23 15.13 -22.18 -16.71
N SER B 24 14.27 -23.17 -16.43
CA SER B 24 12.82 -23.01 -16.57
C SER B 24 12.10 -23.15 -15.23
N CYS B 25 12.80 -22.97 -14.11
CA CYS B 25 12.15 -23.07 -12.79
C CYS B 25 10.92 -22.20 -12.69
N TRP B 26 10.98 -21.01 -13.32
CA TRP B 26 9.84 -20.08 -13.33
C TRP B 26 8.60 -20.70 -13.93
N ALA B 27 8.79 -21.56 -14.95
CA ALA B 27 7.64 -22.15 -15.62
C ALA B 27 7.01 -23.22 -14.76
N PHE B 28 7.83 -23.99 -14.03
CA PHE B 28 7.30 -24.97 -13.09
C PHE B 28 6.62 -24.30 -11.91
N SER B 29 7.19 -23.23 -11.38
CA SER B 29 6.51 -22.50 -10.32
C SER B 29 5.17 -22.01 -10.81
N ALA B 30 5.13 -21.48 -12.05
CA ALA B 30 3.88 -20.92 -12.57
C ALA B 30 2.85 -22.00 -12.80
N THR B 31 3.22 -23.13 -13.41
CA THR B 31 2.21 -24.14 -13.62
C THR B 31 1.71 -24.67 -12.26
N GLY B 32 2.59 -24.77 -11.27
CA GLY B 32 2.14 -25.22 -9.96
C GLY B 32 1.07 -24.32 -9.37
N ALA B 33 1.29 -23.01 -9.41
CA ALA B 33 0.30 -22.08 -8.89
C ALA B 33 -1.00 -22.15 -9.70
N LEU B 34 -0.88 -22.27 -11.02
N LEU B 34 -0.89 -22.26 -11.02
CA LEU B 34 -2.07 -22.32 -11.85
CA LEU B 34 -2.10 -22.32 -11.84
C LEU B 34 -2.81 -23.65 -11.69
C LEU B 34 -2.81 -23.65 -11.67
N GLU B 35 -2.06 -24.76 -11.53
CA GLU B 35 -2.68 -26.04 -11.23
C GLU B 35 -3.51 -25.93 -9.97
N GLY B 36 -3.00 -25.23 -8.95
CA GLY B 36 -3.74 -25.07 -7.71
C GLY B 36 -5.00 -24.25 -7.90
N GLN B 37 -4.89 -23.13 -8.60
CA GLN B 37 -6.05 -22.26 -8.75
C GLN B 37 -7.08 -22.84 -9.69
N MET B 38 -6.65 -23.61 -10.70
CA MET B 38 -7.63 -24.29 -11.53
C MET B 38 -8.36 -25.34 -10.71
N PHE B 39 -7.65 -26.03 -9.82
CA PHE B 39 -8.32 -27.00 -8.96
C PHE B 39 -9.33 -26.31 -8.04
N ARG B 40 -8.93 -25.19 -7.45
CA ARG B 40 -9.81 -24.41 -6.61
C ARG B 40 -11.11 -24.05 -7.32
N LYS B 41 -11.00 -23.69 -8.61
CA LYS B 41 -12.13 -23.18 -9.35
C LYS B 41 -13.00 -24.26 -9.97
N THR B 42 -12.42 -25.40 -10.33
CA THR B 42 -13.09 -26.40 -11.14
C THR B 42 -13.20 -27.74 -10.46
N GLY B 43 -12.44 -27.97 -9.40
CA GLY B 43 -12.40 -29.26 -8.76
C GLY B 43 -11.61 -30.31 -9.50
N ARG B 44 -10.82 -29.93 -10.49
CA ARG B 44 -10.04 -30.86 -11.29
C ARG B 44 -8.58 -30.48 -11.22
N LEU B 45 -7.72 -31.46 -10.93
CA LEU B 45 -6.27 -31.29 -10.98
C LEU B 45 -5.77 -31.83 -12.32
N ILE B 46 -5.25 -30.94 -13.17
CA ILE B 46 -4.68 -31.32 -14.46
C ILE B 46 -3.29 -30.74 -14.55
N SER B 47 -2.29 -31.60 -14.77
CA SER B 47 -0.93 -31.14 -14.93
C SER B 47 -0.78 -30.27 -16.18
N LEU B 48 -0.10 -29.13 -16.05
CA LEU B 48 -0.06 -28.11 -17.08
C LEU B 48 1.32 -28.08 -17.75
N SER B 49 1.37 -27.51 -18.96
CA SER B 49 2.57 -27.61 -19.80
C SER B 49 3.57 -26.50 -19.51
N GLU B 50 4.73 -26.88 -18.93
CA GLU B 50 5.82 -25.94 -18.80
C GLU B 50 6.44 -25.64 -20.15
N GLN B 51 6.46 -26.62 -21.06
CA GLN B 51 7.00 -26.38 -22.39
C GLN B 51 6.25 -25.28 -23.10
N ASN B 52 4.91 -25.32 -23.06
CA ASN B 52 4.07 -24.24 -23.57
C ASN B 52 4.60 -22.88 -23.13
N LEU B 53 4.88 -22.73 -21.84
CA LEU B 53 5.40 -21.46 -21.34
C LEU B 53 6.81 -21.18 -21.87
N VAL B 54 7.67 -22.20 -21.85
CA VAL B 54 9.04 -21.98 -22.32
C VAL B 54 9.04 -21.54 -23.78
N ASP B 55 8.20 -22.17 -24.59
CA ASP B 55 8.23 -21.93 -26.03
C ASP B 55 7.50 -20.65 -26.43
N CYS B 56 6.51 -20.21 -25.65
CA CYS B 56 5.51 -19.29 -26.17
C CYS B 56 5.39 -17.97 -25.42
N SER B 57 5.93 -17.84 -24.20
CA SER B 57 5.70 -16.65 -23.39
C SER B 57 6.85 -15.64 -23.49
N GLY B 58 7.67 -15.72 -24.55
CA GLY B 58 8.63 -14.68 -24.80
C GLY B 58 8.02 -13.31 -24.93
N PRO B 59 6.87 -13.15 -25.60
CA PRO B 59 6.27 -11.81 -25.75
C PRO B 59 5.89 -11.17 -24.44
N GLN B 60 5.75 -11.95 -23.39
CA GLN B 60 5.47 -11.39 -22.07
C GLN B 60 6.72 -11.11 -21.26
N GLY B 61 7.90 -11.45 -21.77
CA GLY B 61 9.15 -11.15 -21.09
C GLY B 61 10.00 -12.36 -20.76
N ASN B 62 9.50 -13.56 -20.95
CA ASN B 62 10.27 -14.72 -20.56
C ASN B 62 11.30 -15.07 -21.64
N GLU B 63 12.34 -15.74 -21.18
CA GLU B 63 13.52 -16.04 -21.97
C GLU B 63 13.80 -17.53 -21.94
N GLY B 64 12.75 -18.35 -21.86
CA GLY B 64 12.90 -19.77 -22.11
C GLY B 64 13.82 -20.43 -21.10
N CYS B 65 14.83 -21.14 -21.61
CA CYS B 65 15.75 -21.83 -20.73
C CYS B 65 16.79 -20.89 -20.14
N ASN B 66 16.73 -19.60 -20.48
CA ASN B 66 17.61 -18.61 -19.92
C ASN B 66 16.96 -17.82 -18.79
N GLY B 67 15.76 -18.21 -18.40
CA GLY B 67 15.13 -17.65 -17.22
C GLY B 67 13.83 -16.94 -17.56
N GLY B 68 13.12 -16.57 -16.50
CA GLY B 68 11.82 -15.96 -16.67
C GLY B 68 11.20 -15.65 -15.33
N LEU B 69 9.93 -15.23 -15.38
CA LEU B 69 9.24 -14.86 -14.16
C LEU B 69 7.84 -15.44 -14.15
N MET B 70 7.37 -15.83 -12.98
CA MET B 70 6.04 -16.42 -12.93
C MET B 70 4.98 -15.42 -13.36
N ASP B 71 5.12 -14.15 -12.98
CA ASP B 71 4.09 -13.19 -13.36
C ASP B 71 4.00 -13.05 -14.87
N TYR B 72 5.14 -13.10 -15.57
CA TYR B 72 5.07 -13.09 -17.03
C TYR B 72 4.33 -14.31 -17.56
N ALA B 73 4.56 -15.48 -16.94
CA ALA B 73 3.83 -16.67 -17.34
C ALA B 73 2.34 -16.51 -17.12
N PHE B 74 1.94 -15.90 -15.98
CA PHE B 74 0.50 -15.73 -15.74
C PHE B 74 -0.10 -14.75 -16.75
N GLN B 75 0.70 -13.75 -17.14
CA GLN B 75 0.24 -12.79 -18.14
C GLN B 75 0.06 -13.45 -19.50
N TYR B 76 1.00 -14.33 -19.89
CA TYR B 76 0.87 -15.08 -21.12
C TYR B 76 -0.45 -15.84 -21.16
N VAL B 77 -0.78 -16.52 -20.06
CA VAL B 77 -2.00 -17.32 -20.10
C VAL B 77 -3.21 -16.44 -20.35
N GLN B 78 -3.27 -15.28 -19.70
CA GLN B 78 -4.34 -14.32 -19.96
C GLN B 78 -4.32 -13.84 -21.41
N ASP B 79 -3.14 -13.36 -21.87
CA ASP B 79 -3.07 -12.81 -23.23
C ASP B 79 -3.46 -13.85 -24.27
N ASN B 80 -3.06 -15.09 -24.02
CA ASN B 80 -3.18 -16.19 -24.97
C ASN B 80 -4.56 -16.83 -24.93
N GLY B 81 -5.32 -16.62 -23.85
CA GLY B 81 -6.59 -17.26 -23.74
C GLY B 81 -6.55 -18.71 -23.32
N GLY B 82 -5.39 -19.23 -22.91
CA GLY B 82 -5.31 -20.59 -22.44
C GLY B 82 -3.88 -21.06 -22.27
N LEU B 83 -3.78 -22.29 -21.81
CA LEU B 83 -2.50 -22.99 -21.59
C LEU B 83 -2.79 -24.48 -21.77
N ASP B 84 -1.95 -25.17 -22.55
CA ASP B 84 -2.21 -26.58 -22.80
C ASP B 84 -1.83 -27.44 -21.59
N SER B 85 -2.40 -28.63 -21.55
CA SER B 85 -2.03 -29.62 -20.57
C SER B 85 -0.62 -30.18 -20.83
N GLU B 86 -0.02 -30.68 -19.74
CA GLU B 86 1.23 -31.43 -19.80
C GLU B 86 1.14 -32.59 -20.80
N GLU B 87 0.06 -33.35 -20.74
CA GLU B 87 -0.07 -34.51 -21.62
C GLU B 87 -0.03 -34.09 -23.08
N SER B 88 -0.74 -33.02 -23.44
CA SER B 88 -0.85 -32.58 -24.83
C SER B 88 0.40 -31.88 -25.34
N TYR B 89 1.24 -31.34 -24.46
CA TYR B 89 2.36 -30.48 -24.84
C TYR B 89 3.51 -30.83 -23.90
N PRO B 90 4.17 -31.96 -24.15
CA PRO B 90 5.07 -32.53 -23.14
C PRO B 90 6.36 -31.75 -23.03
N TYR B 91 7.06 -31.99 -21.93
CA TYR B 91 8.22 -31.20 -21.58
C TYR B 91 9.46 -31.79 -22.23
N GLU B 92 10.24 -30.92 -22.87
CA GLU B 92 11.42 -31.33 -23.62
C GLU B 92 12.72 -30.78 -23.09
N ALA B 93 12.68 -29.81 -22.16
CA ALA B 93 13.87 -29.28 -21.50
C ALA B 93 14.78 -28.51 -22.46
N THR B 94 14.20 -27.92 -23.48
CA THR B 94 14.93 -27.12 -24.44
C THR B 94 13.90 -26.26 -25.15
N GLU B 95 14.29 -25.04 -25.51
CA GLU B 95 13.38 -24.11 -26.15
C GLU B 95 13.13 -24.50 -27.60
N GLU B 96 11.87 -24.52 -27.99
CA GLU B 96 11.43 -24.83 -29.34
C GLU B 96 10.46 -23.75 -29.77
N SER B 97 10.02 -23.81 -31.02
CA SER B 97 9.00 -22.88 -31.48
C SER B 97 7.66 -23.22 -30.85
N CYS B 98 6.81 -22.22 -30.71
N CYS B 98 6.81 -22.19 -30.70
CA CYS B 98 5.55 -22.38 -30.01
CA CYS B 98 5.50 -22.34 -30.08
C CYS B 98 4.57 -23.26 -30.78
C CYS B 98 4.65 -23.33 -30.84
N LYS B 99 4.09 -24.31 -30.12
CA LYS B 99 3.11 -25.23 -30.67
C LYS B 99 1.77 -25.20 -29.92
N TYR B 100 1.45 -24.10 -29.23
CA TYR B 100 0.18 -23.99 -28.55
C TYR B 100 -0.99 -24.32 -29.47
N ASN B 101 -1.92 -25.10 -28.95
CA ASN B 101 -3.15 -25.47 -29.66
C ASN B 101 -4.31 -25.24 -28.70
N PRO B 102 -5.23 -24.32 -29.01
CA PRO B 102 -6.28 -24.00 -28.03
C PRO B 102 -7.27 -25.13 -27.80
N LYS B 103 -7.33 -26.13 -28.69
CA LYS B 103 -8.22 -27.27 -28.47
C LYS B 103 -7.84 -28.06 -27.24
N TYR B 104 -6.56 -28.03 -26.85
CA TYR B 104 -6.04 -28.73 -25.70
C TYR B 104 -5.81 -27.83 -24.51
N SER B 105 -6.30 -26.59 -24.55
CA SER B 105 -6.17 -25.73 -23.38
C SER B 105 -7.02 -26.28 -22.24
N VAL B 106 -6.43 -26.34 -21.05
CA VAL B 106 -7.16 -26.75 -19.86
C VAL B 106 -7.08 -25.73 -18.73
N ALA B 107 -6.45 -24.58 -18.94
CA ALA B 107 -6.32 -23.59 -17.90
C ALA B 107 -6.43 -22.19 -18.51
N ASN B 108 -6.72 -21.23 -17.63
CA ASN B 108 -6.98 -19.86 -18.02
C ASN B 108 -6.78 -18.99 -16.79
N ASP B 109 -6.54 -17.70 -17.02
CA ASP B 109 -6.56 -16.77 -15.92
C ASP B 109 -6.95 -15.38 -16.44
N ALA B 110 -7.23 -14.50 -15.49
CA ALA B 110 -7.51 -13.09 -15.77
C ALA B 110 -6.51 -12.22 -15.03
N GLY B 111 -5.22 -12.56 -15.16
CA GLY B 111 -4.17 -11.78 -14.54
C GLY B 111 -3.58 -12.46 -13.33
N PHE B 112 -3.04 -11.68 -12.40
CA PHE B 112 -2.32 -12.24 -11.27
C PHE B 112 -2.32 -11.23 -10.13
N VAL B 113 -1.94 -11.72 -8.97
CA VAL B 113 -1.92 -10.99 -7.71
C VAL B 113 -0.49 -11.07 -7.18
N ASP B 114 0.14 -9.91 -6.97
CA ASP B 114 1.41 -9.84 -6.25
C ASP B 114 1.13 -9.58 -4.77
N ILE B 115 1.54 -10.49 -3.90
CA ILE B 115 1.31 -10.40 -2.46
C ILE B 115 2.29 -9.37 -1.89
N PRO B 116 1.87 -8.53 -0.95
CA PRO B 116 2.81 -7.64 -0.28
C PRO B 116 3.94 -8.41 0.39
N LYS B 117 5.06 -7.71 0.57
CA LYS B 117 6.34 -8.29 1.03
C LYS B 117 6.37 -8.48 2.55
N GLN B 118 5.41 -9.25 3.05
CA GLN B 118 5.43 -9.66 4.45
C GLN B 118 5.17 -11.14 4.52
N GLU B 119 5.91 -11.84 5.37
CA GLU B 119 5.60 -13.24 5.62
C GLU B 119 4.20 -13.44 6.21
N LYS B 120 3.67 -12.48 6.98
CA LYS B 120 2.31 -12.65 7.49
C LYS B 120 1.30 -12.65 6.34
N ALA B 121 1.50 -11.78 5.36
CA ALA B 121 0.63 -11.76 4.18
C ALA B 121 0.78 -13.04 3.37
N LEU B 122 2.01 -13.54 3.22
CA LEU B 122 2.22 -14.82 2.53
C LEU B 122 1.51 -15.94 3.26
N MET B 123 1.56 -15.93 4.59
CA MET B 123 0.87 -16.97 5.34
C MET B 123 -0.64 -16.92 5.11
N LYS B 124 -1.24 -15.72 5.14
CA LYS B 124 -2.67 -15.60 4.90
C LYS B 124 -3.02 -16.07 3.49
N ALA B 125 -2.21 -15.69 2.50
CA ALA B 125 -2.44 -16.14 1.14
C ALA B 125 -2.38 -17.67 1.05
N VAL B 126 -1.35 -18.28 1.63
CA VAL B 126 -1.26 -19.74 1.57
C VAL B 126 -2.45 -20.38 2.27
N ALA B 127 -2.89 -19.79 3.38
CA ALA B 127 -4.00 -20.38 4.13
C ALA B 127 -5.33 -20.28 3.36
N THR B 128 -5.49 -19.27 2.53
CA THR B 128 -6.82 -18.96 1.99
C THR B 128 -6.92 -19.01 0.46
N VAL B 129 -5.81 -19.05 -0.26
CA VAL B 129 -5.80 -19.08 -1.71
C VAL B 129 -5.44 -20.47 -2.25
N GLY B 130 -4.37 -21.06 -1.75
CA GLY B 130 -3.84 -22.24 -2.35
C GLY B 130 -2.33 -22.10 -2.47
N PRO B 131 -1.71 -22.98 -3.26
CA PRO B 131 -0.26 -22.87 -3.47
C PRO B 131 0.13 -21.56 -4.13
N ILE B 132 1.27 -21.01 -3.70
CA ILE B 132 1.70 -19.68 -4.09
C ILE B 132 3.05 -19.75 -4.78
N SER B 133 3.21 -19.07 -5.91
CA SER B 133 4.51 -18.98 -6.56
C SER B 133 5.41 -18.04 -5.77
N VAL B 134 6.66 -18.44 -5.53
CA VAL B 134 7.60 -17.56 -4.82
C VAL B 134 8.96 -17.62 -5.47
N ALA B 135 9.73 -16.54 -5.25
CA ALA B 135 11.14 -16.48 -5.64
C ALA B 135 11.99 -16.59 -4.39
N ILE B 136 13.08 -17.36 -4.47
CA ILE B 136 13.97 -17.50 -3.31
C ILE B 136 15.40 -17.38 -3.80
N ASP B 137 16.28 -17.03 -2.86
CA ASP B 137 17.73 -17.10 -3.05
C ASP B 137 18.12 -18.55 -2.84
N ALA B 138 18.28 -19.29 -3.95
CA ALA B 138 18.73 -20.67 -3.92
C ALA B 138 20.19 -20.78 -4.39
N GLY B 139 20.90 -19.66 -4.42
CA GLY B 139 22.22 -19.63 -5.03
C GLY B 139 23.33 -20.00 -4.06
N HIS B 140 23.11 -21.06 -3.32
CA HIS B 140 24.08 -21.56 -2.34
C HIS B 140 24.12 -23.06 -2.45
N GLU B 141 25.31 -23.64 -2.30
CA GLU B 141 25.42 -25.09 -2.44
C GLU B 141 24.59 -25.79 -1.37
N SER B 142 24.41 -25.16 -0.20
CA SER B 142 23.55 -25.74 0.81
C SER B 142 22.17 -26.05 0.25
N PHE B 143 21.64 -25.20 -0.61
CA PHE B 143 20.35 -25.50 -1.22
C PHE B 143 20.47 -26.65 -2.21
N LEU B 144 21.56 -26.67 -3.00
CA LEU B 144 21.78 -27.75 -3.96
C LEU B 144 21.83 -29.11 -3.27
N PHE B 145 22.46 -29.17 -2.08
CA PHE B 145 22.68 -30.43 -1.36
C PHE B 145 21.62 -30.71 -0.31
N TYR B 146 20.56 -29.91 -0.25
CA TYR B 146 19.56 -30.12 0.77
C TYR B 146 18.93 -31.52 0.66
N LYS B 147 18.72 -32.14 1.80
CA LYS B 147 18.16 -33.49 1.84
C LYS B 147 16.96 -33.55 2.79
N GLU B 148 17.10 -33.01 4.00
CA GLU B 148 16.06 -33.06 5.02
C GLU B 148 16.27 -31.92 5.99
N GLY B 149 15.25 -31.64 6.78
CA GLY B 149 15.33 -30.64 7.84
C GLY B 149 14.79 -29.28 7.42
N ILE B 150 14.90 -28.34 8.36
CA ILE B 150 14.45 -26.96 8.14
C ILE B 150 15.62 -26.20 7.54
N TYR B 151 15.47 -25.76 6.31
CA TYR B 151 16.56 -25.11 5.62
C TYR B 151 16.80 -23.70 6.12
N PHE B 152 18.03 -23.44 6.56
CA PHE B 152 18.46 -22.11 6.93
C PHE B 152 19.89 -21.94 6.46
N GLU B 153 20.11 -20.90 5.66
CA GLU B 153 21.38 -20.60 5.02
C GLU B 153 21.82 -19.22 5.49
N PRO B 154 22.85 -19.10 6.33
CA PRO B 154 23.21 -17.78 6.86
C PRO B 154 23.55 -16.73 5.82
N ASP B 155 24.08 -17.11 4.66
CA ASP B 155 24.37 -16.12 3.63
C ASP B 155 23.19 -15.85 2.70
N CYS B 156 22.00 -16.36 3.03
CA CYS B 156 20.86 -16.14 2.14
C CYS B 156 20.45 -14.68 2.12
N SER B 157 20.14 -14.18 0.92
CA SER B 157 19.63 -12.82 0.77
C SER B 157 18.11 -12.81 0.83
N SER B 158 17.58 -11.80 1.48
CA SER B 158 16.13 -11.57 1.53
C SER B 158 15.66 -10.66 0.41
N GLU B 159 16.60 -10.06 -0.32
CA GLU B 159 16.35 -9.11 -1.37
C GLU B 159 16.65 -9.64 -2.75
N ASP B 160 17.64 -10.51 -2.89
CA ASP B 160 18.15 -10.93 -4.20
C ASP B 160 17.86 -12.41 -4.39
N MET B 161 16.81 -12.72 -5.15
CA MET B 161 16.33 -14.08 -5.36
C MET B 161 16.64 -14.49 -6.79
N ASP B 162 16.87 -15.79 -6.97
CA ASP B 162 17.24 -16.29 -8.29
C ASP B 162 16.51 -17.55 -8.72
N HIS B 163 15.57 -18.08 -7.94
CA HIS B 163 14.98 -19.39 -8.22
C HIS B 163 13.50 -19.34 -7.88
N GLY B 164 12.66 -19.84 -8.79
CA GLY B 164 11.22 -19.84 -8.57
C GLY B 164 10.78 -21.22 -8.15
N VAL B 165 9.95 -21.25 -7.10
CA VAL B 165 9.43 -22.48 -6.50
C VAL B 165 7.99 -22.22 -6.08
N LEU B 166 7.40 -23.13 -5.30
CA LEU B 166 5.97 -23.12 -5.02
C LEU B 166 5.73 -23.48 -3.56
N VAL B 167 5.14 -22.56 -2.82
CA VAL B 167 4.80 -22.79 -1.43
C VAL B 167 3.47 -23.52 -1.42
N VAL B 168 3.46 -24.74 -0.88
CA VAL B 168 2.23 -25.54 -0.82
C VAL B 168 1.69 -25.62 0.58
N GLY B 169 2.38 -25.03 1.55
CA GLY B 169 1.88 -25.12 2.91
C GLY B 169 2.86 -24.49 3.85
N TYR B 170 2.61 -24.72 5.14
CA TYR B 170 3.52 -24.32 6.20
C TYR B 170 3.19 -25.13 7.44
N GLY B 171 4.12 -25.13 8.38
CA GLY B 171 3.95 -25.89 9.60
C GLY B 171 4.91 -25.44 10.67
N PHE B 172 5.02 -26.28 11.69
CA PHE B 172 5.71 -25.87 12.90
C PHE B 172 6.53 -27.03 13.44
N GLU B 173 7.46 -26.69 14.33
CA GLU B 173 8.24 -27.66 15.07
C GLU B 173 7.38 -28.38 16.09
N SER B 174 6.67 -27.63 16.92
CA SER B 174 5.70 -28.16 17.86
C SER B 174 4.59 -27.14 18.00
N THR B 175 3.47 -27.55 18.60
CA THR B 175 2.32 -26.65 18.68
C THR B 175 2.62 -25.42 19.52
N GLU B 176 3.56 -25.51 20.46
CA GLU B 176 3.85 -24.40 21.36
C GLU B 176 5.19 -23.75 21.10
N SER B 177 5.87 -24.11 20.02
CA SER B 177 7.16 -23.51 19.68
C SER B 177 6.99 -22.45 18.59
N ASP B 178 7.60 -21.29 18.81
CA ASP B 178 7.81 -20.32 17.74
C ASP B 178 9.03 -20.66 16.91
N ASN B 179 9.85 -21.62 17.33
CA ASN B 179 11.11 -21.89 16.67
C ASN B 179 10.90 -22.86 15.52
N ASN B 180 11.70 -22.67 14.46
CA ASN B 180 11.79 -23.64 13.38
C ASN B 180 10.41 -23.90 12.77
N LYS B 181 9.63 -22.84 12.60
CA LYS B 181 8.50 -22.89 11.68
C LYS B 181 9.05 -22.98 10.27
N TYR B 182 8.24 -23.47 9.34
CA TYR B 182 8.73 -23.64 7.99
C TYR B 182 7.62 -23.44 6.98
N TRP B 183 8.02 -23.00 5.80
CA TRP B 183 7.22 -23.07 4.58
C TRP B 183 7.48 -24.41 3.92
N LEU B 184 6.43 -25.06 3.45
CA LEU B 184 6.57 -26.31 2.73
C LEU B 184 6.65 -26.02 1.24
N VAL B 185 7.79 -26.30 0.63
CA VAL B 185 8.09 -25.76 -0.70
C VAL B 185 8.33 -26.89 -1.69
N LYS B 186 7.60 -26.86 -2.78
CA LYS B 186 7.76 -27.79 -3.89
C LYS B 186 8.80 -27.24 -4.86
N ASN B 187 9.83 -28.03 -5.15
CA ASN B 187 10.84 -27.64 -6.13
C ASN B 187 10.57 -28.39 -7.42
N SER B 188 11.42 -28.17 -8.42
CA SER B 188 11.22 -28.74 -9.74
C SER B 188 12.48 -29.49 -10.19
N TRP B 189 13.15 -30.11 -9.24
CA TRP B 189 14.41 -30.81 -9.49
C TRP B 189 14.25 -32.31 -9.35
N GLY B 190 13.02 -32.81 -9.48
CA GLY B 190 12.71 -34.22 -9.33
C GLY B 190 12.57 -34.64 -7.87
N GLU B 191 12.05 -35.86 -7.67
CA GLU B 191 11.80 -36.28 -6.31
C GLU B 191 13.05 -36.80 -5.59
N GLU B 192 14.18 -36.95 -6.27
CA GLU B 192 15.42 -37.39 -5.65
C GLU B 192 16.11 -36.26 -4.91
N TRP B 193 15.87 -35.01 -5.33
CA TRP B 193 16.40 -33.85 -4.61
C TRP B 193 15.58 -33.64 -3.33
N GLY B 194 16.26 -33.29 -2.25
CA GLY B 194 15.53 -32.95 -1.04
C GLY B 194 14.66 -34.08 -0.51
N MET B 195 13.53 -33.67 0.09
CA MET B 195 12.58 -34.56 0.78
C MET B 195 11.50 -34.94 -0.24
N GLY B 196 11.80 -35.93 -1.06
CA GLY B 196 10.89 -36.22 -2.15
C GLY B 196 10.66 -35.07 -3.10
N GLY B 197 11.61 -34.14 -3.20
CA GLY B 197 11.53 -33.03 -4.10
C GLY B 197 11.03 -31.78 -3.44
N TYR B 198 10.76 -31.83 -2.14
CA TYR B 198 10.28 -30.75 -1.30
C TYR B 198 11.39 -30.26 -0.38
N VAL B 199 11.24 -29.02 0.07
CA VAL B 199 12.13 -28.47 1.09
C VAL B 199 11.29 -27.72 2.10
N LYS B 200 11.67 -27.83 3.37
CA LYS B 200 11.08 -27.04 4.43
C LYS B 200 11.97 -25.83 4.67
N MET B 201 11.50 -24.65 4.31
N MET B 201 11.49 -24.65 4.26
CA MET B 201 12.32 -23.45 4.40
CA MET B 201 12.27 -23.41 4.35
C MET B 201 11.93 -22.63 5.62
C MET B 201 11.92 -22.66 5.64
N ALA B 202 12.94 -22.13 6.31
CA ALA B 202 12.71 -21.32 7.52
C ALA B 202 11.64 -20.25 7.29
N LYS B 203 10.64 -20.26 8.17
CA LYS B 203 9.51 -19.33 8.16
C LYS B 203 9.58 -18.42 9.38
N ASP B 204 9.25 -17.14 9.14
CA ASP B 204 9.21 -16.10 10.15
C ASP B 204 10.59 -15.86 10.77
N ARG B 205 11.64 -16.01 9.97
CA ARG B 205 13.02 -15.69 10.33
C ARG B 205 13.52 -14.59 9.40
N ARG B 206 12.92 -13.40 9.54
CA ARG B 206 13.34 -12.22 8.77
C ARG B 206 13.31 -12.49 7.27
N ASN B 207 12.21 -13.14 6.81
CA ASN B 207 11.97 -13.35 5.39
C ASN B 207 13.16 -14.09 4.75
N HIS B 208 13.47 -15.23 5.34
CA HIS B 208 14.66 -15.96 4.97
C HIS B 208 14.64 -16.35 3.50
N CYS B 209 15.74 -16.01 2.82
CA CYS B 209 15.96 -16.25 1.40
C CYS B 209 14.95 -15.51 0.52
N GLY B 210 14.27 -14.51 1.06
CA GLY B 210 13.43 -13.67 0.22
C GLY B 210 12.10 -14.27 -0.15
N ILE B 211 11.67 -15.31 0.55
CA ILE B 211 10.51 -16.09 0.12
C ILE B 211 9.25 -15.23 0.01
N ALA B 212 9.11 -14.20 0.84
CA ALA B 212 7.93 -13.34 0.77
C ALA B 212 8.17 -12.07 -0.02
N SER B 213 9.32 -11.95 -0.67
CA SER B 213 9.68 -10.74 -1.38
C SER B 213 9.06 -10.64 -2.76
N ALA B 214 8.68 -11.75 -3.38
CA ALA B 214 8.12 -11.75 -4.74
C ALA B 214 7.14 -12.91 -4.93
N ALA B 215 6.15 -12.97 -4.04
CA ALA B 215 5.16 -14.05 -4.03
C ALA B 215 3.96 -13.63 -4.87
N SER B 216 3.42 -14.58 -5.64
CA SER B 216 2.26 -14.22 -6.46
C SER B 216 1.47 -15.46 -6.84
N TYR B 217 0.29 -15.23 -7.41
CA TYR B 217 -0.50 -16.33 -7.93
C TYR B 217 -1.46 -15.81 -9.00
N PRO B 218 -1.96 -16.68 -9.85
CA PRO B 218 -2.85 -16.20 -10.90
C PRO B 218 -4.28 -15.99 -10.43
N THR B 219 -4.92 -15.02 -11.08
CA THR B 219 -6.33 -14.72 -10.89
C THR B 219 -7.18 -15.69 -11.70
N VAL B 220 -7.94 -16.53 -11.00
CA VAL B 220 -8.74 -17.52 -11.65
C VAL B 220 -10.17 -17.47 -11.06
N ALA C 1 9.92 29.75 22.77
CA ALA C 1 9.80 28.56 21.85
C ALA C 1 9.52 29.05 20.43
N PRO C 2 10.13 28.40 19.43
CA PRO C 2 9.95 28.87 18.04
C PRO C 2 8.49 28.75 17.62
N ARG C 3 8.13 29.50 16.58
CA ARG C 3 6.75 29.44 16.12
C ARG C 3 6.47 28.18 15.32
N SER C 4 7.52 27.54 14.77
CA SER C 4 7.37 26.30 14.02
C SER C 4 8.54 25.35 14.27
N VAL C 5 8.22 24.06 14.40
CA VAL C 5 9.21 23.01 14.64
C VAL C 5 8.86 21.79 13.80
N ASP C 6 9.88 21.14 13.23
CA ASP C 6 9.71 19.89 12.47
C ASP C 6 10.98 19.06 12.64
N TRP C 7 10.95 18.13 13.60
CA TRP C 7 12.15 17.35 13.89
C TRP C 7 12.59 16.47 12.72
N ARG C 8 11.72 16.24 11.74
CA ARG C 8 12.14 15.45 10.58
C ARG C 8 13.30 16.10 9.87
N GLU C 9 13.31 17.44 9.79
CA GLU C 9 14.37 18.16 9.12
C GLU C 9 15.69 18.06 9.85
N LYS C 10 15.69 17.65 11.12
CA LYS C 10 16.92 17.53 11.90
C LYS C 10 17.39 16.09 12.04
N GLY C 11 16.67 15.13 11.48
CA GLY C 11 17.15 13.77 11.41
C GLY C 11 16.69 12.88 12.53
N TYR C 12 15.68 13.31 13.28
CA TYR C 12 15.23 12.61 14.47
C TYR C 12 14.20 11.53 14.19
N VAL C 13 13.71 11.43 12.94
CA VAL C 13 12.48 10.68 12.66
C VAL C 13 12.70 9.69 11.54
N THR C 14 12.34 8.43 11.81
CA THR C 14 12.39 7.36 10.81
C THR C 14 11.20 7.46 9.88
N PRO C 15 11.20 6.68 8.80
CA PRO C 15 10.03 6.65 7.92
C PRO C 15 8.79 6.16 8.64
N VAL C 16 7.64 6.55 8.10
CA VAL C 16 6.37 6.04 8.57
C VAL C 16 6.30 4.53 8.40
N LYS C 17 5.76 3.88 9.42
CA LYS C 17 5.64 2.43 9.52
C LYS C 17 4.17 2.07 9.46
N ASN C 18 3.90 0.77 9.40
CA ASN C 18 2.51 0.30 9.36
C ASN C 18 2.33 -0.82 10.37
N GLN C 19 1.56 -0.55 11.41
CA GLN C 19 1.32 -1.54 12.46
C GLN C 19 0.41 -2.68 12.01
N GLY C 20 -0.29 -2.55 10.90
CA GLY C 20 -1.10 -3.65 10.43
C GLY C 20 -2.28 -3.93 11.35
N GLN C 21 -2.71 -5.19 11.36
CA GLN C 21 -3.88 -5.60 12.14
C GLN C 21 -3.41 -6.18 13.47
N CYS C 22 -2.94 -5.25 14.31
CA CYS C 22 -2.43 -5.56 15.64
C CYS C 22 -2.55 -4.26 16.42
N GLY C 23 -3.13 -4.32 17.61
CA GLY C 23 -3.35 -3.13 18.41
C GLY C 23 -2.09 -2.63 19.10
N SER C 24 -1.08 -2.31 18.29
CA SER C 24 0.27 -2.02 18.79
C SER C 24 0.68 -0.58 18.56
N CYS C 25 -0.30 0.32 18.38
CA CYS C 25 0.01 1.74 18.15
C CYS C 25 0.91 2.27 19.24
N TRP C 26 0.67 1.83 20.48
CA TRP C 26 1.46 2.25 21.63
C TRP C 26 2.93 1.94 21.42
N ALA C 27 3.24 0.81 20.77
CA ALA C 27 4.64 0.42 20.60
C ALA C 27 5.31 1.25 19.53
N PHE C 28 4.57 1.68 18.50
CA PHE C 28 5.14 2.54 17.46
C PHE C 28 5.33 3.95 17.99
N SER C 29 4.42 4.42 18.83
CA SER C 29 4.63 5.70 19.50
C SER C 29 5.90 5.66 20.33
N ALA C 30 6.08 4.60 21.12
CA ALA C 30 7.26 4.48 21.98
C ALA C 30 8.54 4.39 21.16
N THR C 31 8.57 3.55 20.13
CA THR C 31 9.80 3.48 19.35
C THR C 31 10.08 4.82 18.68
N GLY C 32 9.05 5.52 18.21
CA GLY C 32 9.29 6.83 17.60
C GLY C 32 9.94 7.78 18.58
N ALA C 33 9.43 7.82 19.82
CA ALA C 33 9.99 8.73 20.81
C ALA C 33 11.41 8.31 21.19
N LEU C 34 11.66 7.00 21.33
CA LEU C 34 13.00 6.53 21.67
C LEU C 34 13.95 6.72 20.50
N GLU C 35 13.48 6.51 19.27
CA GLU C 35 14.30 6.79 18.08
C GLU C 35 14.82 8.22 18.10
N GLY C 36 13.95 9.17 18.46
CA GLY C 36 14.35 10.56 18.49
C GLY C 36 15.30 10.87 19.63
N GLN C 37 15.05 10.31 20.80
CA GLN C 37 15.94 10.59 21.92
C GLN C 37 17.29 9.91 21.73
N MET C 38 17.32 8.70 21.13
CA MET C 38 18.61 8.07 20.86
C MET C 38 19.40 8.87 19.82
N PHE C 39 18.71 9.45 18.84
CA PHE C 39 19.40 10.28 17.87
C PHE C 39 19.95 11.54 18.53
N ARG C 40 19.15 12.16 19.40
CA ARG C 40 19.60 13.34 20.12
C ARG C 40 20.85 13.04 20.92
N LYS C 41 20.94 11.82 21.47
CA LYS C 41 22.08 11.44 22.28
C LYS C 41 23.27 10.93 21.48
N THR C 42 23.06 10.32 20.33
CA THR C 42 24.17 9.69 19.62
C THR C 42 24.44 10.24 18.23
N GLY C 43 23.48 10.91 17.60
CA GLY C 43 23.60 11.29 16.21
C GLY C 43 23.34 10.18 15.23
N ARG C 44 22.87 9.04 15.71
CA ARG C 44 22.55 7.89 14.89
C ARG C 44 21.05 7.67 14.96
N LEU C 45 20.40 7.64 13.81
CA LEU C 45 18.99 7.28 13.72
C LEU C 45 18.89 5.81 13.33
N ILE C 46 18.41 4.99 14.26
CA ILE C 46 18.23 3.57 14.02
C ILE C 46 16.79 3.20 14.34
N SER C 47 16.12 2.61 13.37
CA SER C 47 14.77 2.10 13.59
C SER C 47 14.76 0.99 14.65
N LEU C 48 13.85 1.12 15.60
CA LEU C 48 13.75 0.23 16.75
C LEU C 48 12.58 -0.75 16.61
N SER C 49 12.65 -1.84 17.38
CA SER C 49 11.77 -3.00 17.19
C SER C 49 10.48 -2.84 17.98
N GLU C 50 9.37 -2.59 17.28
CA GLU C 50 8.09 -2.63 17.95
C GLU C 50 7.76 -4.04 18.43
N GLN C 51 8.18 -5.05 17.66
CA GLN C 51 7.88 -6.43 18.02
C GLN C 51 8.51 -6.81 19.36
N ASN C 52 9.72 -6.33 19.60
CA ASN C 52 10.37 -6.50 20.91
C ASN C 52 9.43 -6.03 22.01
N LEU C 53 8.81 -4.88 21.82
CA LEU C 53 7.90 -4.34 22.82
C LEU C 53 6.63 -5.19 22.93
N VAL C 54 6.06 -5.56 21.78
CA VAL C 54 4.83 -6.35 21.80
C VAL C 54 5.05 -7.65 22.56
N ASP C 55 6.18 -8.31 22.29
CA ASP C 55 6.44 -9.66 22.79
C ASP C 55 6.91 -9.68 24.23
N CYS C 56 7.52 -8.59 24.72
CA CYS C 56 8.36 -8.66 25.89
C CYS C 56 7.96 -7.75 27.05
N SER C 57 7.10 -6.75 26.84
CA SER C 57 6.82 -5.74 27.85
C SER C 57 5.54 -6.03 28.63
N GLY C 58 5.06 -7.26 28.56
CA GLY C 58 3.99 -7.72 29.40
C GLY C 58 4.21 -7.43 30.88
N PRO C 59 5.40 -7.75 31.41
CA PRO C 59 5.63 -7.53 32.85
C PRO C 59 5.43 -6.09 33.28
N GLN C 60 5.55 -5.15 32.34
CA GLN C 60 5.39 -3.75 32.66
C GLN C 60 3.97 -3.25 32.52
N GLY C 61 3.05 -4.08 32.02
CA GLY C 61 1.67 -3.70 31.94
C GLY C 61 1.08 -3.76 30.55
N ASN C 62 1.88 -3.98 29.52
CA ASN C 62 1.37 -3.96 28.16
C ASN C 62 0.74 -5.30 27.82
N GLU C 63 -0.19 -5.24 26.86
CA GLU C 63 -0.97 -6.40 26.45
C GLU C 63 -0.83 -6.68 24.95
N GLY C 64 0.32 -6.36 24.40
CA GLY C 64 0.64 -6.79 23.04
C GLY C 64 -0.32 -6.20 22.03
N CYS C 65 -0.86 -7.07 21.19
CA CYS C 65 -1.79 -6.60 20.18
C CYS C 65 -3.12 -6.17 20.78
N ASN C 66 -3.34 -6.38 22.07
CA ASN C 66 -4.58 -5.95 22.73
C ASN C 66 -4.44 -4.59 23.41
N GLY C 67 -3.31 -3.91 23.23
CA GLY C 67 -3.16 -2.54 23.69
C GLY C 67 -2.03 -2.41 24.70
N GLY C 68 -1.75 -1.15 25.01
CA GLY C 68 -0.60 -0.85 25.85
C GLY C 68 -0.40 0.63 26.03
N LEU C 69 0.70 0.97 26.69
CA LEU C 69 1.00 2.37 27.01
C LEU C 69 2.47 2.66 26.73
N MET C 70 2.72 3.84 26.18
CA MET C 70 4.12 4.20 25.86
C MET C 70 4.98 4.22 27.13
N ASP C 71 4.44 4.72 28.25
CA ASP C 71 5.26 4.73 29.45
C ASP C 71 5.64 3.32 29.90
N TYR C 72 4.71 2.37 29.79
CA TYR C 72 5.08 1.00 30.13
C TYR C 72 6.18 0.48 29.22
N ALA C 73 6.15 0.86 27.94
CA ALA C 73 7.21 0.50 27.02
C ALA C 73 8.54 1.13 27.41
N PHE C 74 8.52 2.41 27.80
CA PHE C 74 9.76 3.03 28.26
C PHE C 74 10.27 2.34 29.53
N GLN C 75 9.35 1.91 30.41
CA GLN C 75 9.78 1.22 31.62
C GLN C 75 10.41 -0.14 31.30
N TYR C 76 9.87 -0.84 30.29
CA TYR C 76 10.45 -2.11 29.86
C TYR C 76 11.88 -1.93 29.39
N VAL C 77 12.13 -0.93 28.53
CA VAL C 77 13.49 -0.75 28.04
C VAL C 77 14.45 -0.54 29.21
N GLN C 78 14.03 0.28 30.17
CA GLN C 78 14.87 0.48 31.36
C GLN C 78 15.08 -0.82 32.11
N ASP C 79 13.98 -1.52 32.44
CA ASP C 79 14.08 -2.77 33.21
C ASP C 79 14.93 -3.80 32.48
N ASN C 80 14.78 -3.86 31.16
CA ASN C 80 15.42 -4.88 30.32
C ASN C 80 16.88 -4.56 30.02
N GLY C 81 17.28 -3.29 30.16
CA GLY C 81 18.61 -2.87 29.79
C GLY C 81 18.87 -2.76 28.31
N GLY C 82 17.83 -2.64 27.49
CA GLY C 82 18.06 -2.54 26.06
C GLY C 82 16.81 -2.82 25.26
N LEU C 83 16.91 -2.54 23.96
CA LEU C 83 15.84 -2.74 23.00
C LEU C 83 16.51 -3.04 21.67
N ASP C 84 16.04 -4.07 20.98
CA ASP C 84 16.63 -4.48 19.72
C ASP C 84 16.21 -3.55 18.58
N SER C 85 17.03 -3.56 17.53
CA SER C 85 16.71 -2.81 16.35
C SER C 85 15.57 -3.46 15.58
N GLU C 86 14.89 -2.63 14.80
CA GLU C 86 13.91 -3.13 13.85
C GLU C 86 14.49 -4.19 12.92
N GLU C 87 15.71 -3.96 12.43
CA GLU C 87 16.32 -4.89 11.47
C GLU C 87 16.61 -6.24 12.11
N SER C 88 17.08 -6.25 13.36
CA SER C 88 17.36 -7.50 14.04
C SER C 88 16.11 -8.25 14.51
N TYR C 89 15.01 -7.53 14.73
CA TYR C 89 13.83 -8.09 15.39
C TYR C 89 12.60 -7.47 14.70
N PRO C 90 12.35 -7.87 13.46
CA PRO C 90 11.39 -7.15 12.62
C PRO C 90 9.94 -7.42 13.00
N TYR C 91 9.07 -6.56 12.46
CA TYR C 91 7.69 -6.51 12.91
C TYR C 91 6.86 -7.58 12.24
N GLU C 92 6.14 -8.35 13.06
CA GLU C 92 5.32 -9.46 12.62
C GLU C 92 3.83 -9.26 12.85
N ALA C 93 3.42 -8.13 13.44
CA ALA C 93 2.00 -7.80 13.65
C ALA C 93 1.23 -8.92 14.34
N THR C 94 1.88 -9.66 15.23
CA THR C 94 1.19 -10.62 16.07
C THR C 94 2.09 -10.92 17.27
N GLU C 95 1.48 -11.23 18.42
CA GLU C 95 2.23 -11.36 19.66
C GLU C 95 2.82 -12.76 19.78
N GLU C 96 4.08 -12.84 20.17
CA GLU C 96 4.77 -14.11 20.27
C GLU C 96 5.62 -14.07 21.53
N SER C 97 6.30 -15.18 21.81
CA SER C 97 7.24 -15.21 22.92
C SER C 97 8.36 -14.19 22.69
N CYS C 98 8.93 -13.70 23.78
N CYS C 98 8.93 -13.71 23.80
CA CYS C 98 10.00 -12.73 23.71
CA CYS C 98 10.05 -12.78 23.75
C CYS C 98 11.27 -13.34 23.13
C CYS C 98 11.26 -13.41 23.06
N LYS C 99 11.81 -12.71 22.07
CA LYS C 99 13.05 -13.13 21.43
C LYS C 99 14.15 -12.09 21.54
N TYR C 100 14.09 -11.26 22.58
CA TYR C 100 15.13 -10.26 22.74
C TYR C 100 16.52 -10.87 22.84
N ASN C 101 17.46 -10.26 22.13
CA ASN C 101 18.85 -10.65 22.18
C ASN C 101 19.64 -9.42 22.61
N PRO C 102 20.31 -9.43 23.76
CA PRO C 102 21.07 -8.23 24.16
C PRO C 102 22.14 -7.86 23.15
N LYS C 103 22.60 -8.79 22.33
CA LYS C 103 23.67 -8.48 21.41
C LYS C 103 23.20 -7.57 20.29
N TYR C 104 21.90 -7.46 20.08
CA TYR C 104 21.37 -6.59 19.04
C TYR C 104 20.64 -5.39 19.61
N SER C 105 20.85 -5.09 20.88
CA SER C 105 20.27 -3.89 21.46
C SER C 105 20.96 -2.65 20.90
N VAL C 106 20.16 -1.66 20.51
CA VAL C 106 20.73 -0.44 19.96
C VAL C 106 20.18 0.76 20.71
N ALA C 107 19.43 0.52 21.78
CA ALA C 107 18.79 1.62 22.49
C ALA C 107 18.65 1.27 23.96
N ASN C 108 18.60 2.30 24.80
CA ASN C 108 18.36 2.13 26.22
C ASN C 108 17.70 3.40 26.72
N ASP C 109 17.08 3.29 27.88
CA ASP C 109 16.64 4.49 28.56
C ASP C 109 16.70 4.27 30.05
N ALA C 110 16.61 5.39 30.75
CA ALA C 110 16.81 5.48 32.19
C ALA C 110 15.51 5.92 32.86
N GLY C 111 14.38 5.59 32.23
CA GLY C 111 13.07 6.00 32.71
C GLY C 111 12.42 6.89 31.69
N PHE C 112 11.47 7.69 32.15
CA PHE C 112 10.69 8.51 31.23
C PHE C 112 10.19 9.73 31.98
N VAL C 113 9.70 10.69 31.20
CA VAL C 113 9.21 11.96 31.68
C VAL C 113 7.80 12.15 31.16
N ASP C 114 6.86 12.38 32.06
CA ASP C 114 5.48 12.71 31.72
C ASP C 114 5.30 14.22 31.77
N ILE C 115 4.68 14.75 30.72
CA ILE C 115 4.57 16.20 30.54
C ILE C 115 3.28 16.64 31.21
N PRO C 116 3.27 17.80 31.87
CA PRO C 116 2.02 18.28 32.48
C PRO C 116 0.95 18.42 31.41
N LYS C 117 -0.31 18.31 31.85
CA LYS C 117 -1.44 18.15 30.94
C LYS C 117 -1.97 19.48 30.40
N GLN C 118 -1.10 20.20 29.71
CA GLN C 118 -1.47 21.45 29.05
C GLN C 118 -0.69 21.56 27.73
N GLU C 119 -1.34 22.15 26.73
CA GLU C 119 -0.73 22.25 25.41
C GLU C 119 0.47 23.19 25.39
N LYS C 120 0.51 24.16 26.30
N LYS C 120 0.52 24.18 26.29
CA LYS C 120 1.68 25.04 26.39
CA LYS C 120 1.71 25.02 26.34
C LYS C 120 2.92 24.27 26.85
C LYS C 120 2.93 24.23 26.80
N ALA C 121 2.75 23.34 27.79
CA ALA C 121 3.86 22.49 28.22
C ALA C 121 4.25 21.49 27.15
N LEU C 122 3.26 20.86 26.51
CA LEU C 122 3.57 20.03 25.36
C LEU C 122 4.36 20.79 24.33
N MET C 123 4.04 22.08 24.12
CA MET C 123 4.77 22.83 23.11
C MET C 123 6.22 23.03 23.51
N LYS C 124 6.48 23.35 24.79
CA LYS C 124 7.87 23.56 25.19
C LYS C 124 8.66 22.27 25.08
N ALA C 125 8.03 21.13 25.36
CA ALA C 125 8.72 19.84 25.26
C ALA C 125 9.10 19.55 23.81
N VAL C 126 8.13 19.63 22.91
CA VAL C 126 8.43 19.46 21.50
C VAL C 126 9.58 20.35 21.08
N ALA C 127 9.57 21.61 21.55
CA ALA C 127 10.57 22.55 21.07
C ALA C 127 11.96 22.22 21.58
N THR C 128 12.07 21.63 22.78
CA THR C 128 13.34 21.52 23.49
C THR C 128 13.81 20.08 23.67
N VAL C 129 12.94 19.10 23.44
CA VAL C 129 13.27 17.70 23.69
C VAL C 129 13.42 16.93 22.37
N GLY C 130 12.45 17.05 21.48
CA GLY C 130 12.38 16.21 20.32
C GLY C 130 10.98 15.65 20.20
N PRO C 131 10.79 14.65 19.34
CA PRO C 131 9.47 14.04 19.19
C PRO C 131 8.94 13.49 20.51
N ILE C 132 7.64 13.66 20.72
CA ILE C 132 6.97 13.35 21.99
C ILE C 132 5.88 12.32 21.73
N SER C 133 5.84 11.29 22.57
CA SER C 133 4.71 10.36 22.56
C SER C 133 3.47 10.99 23.17
N VAL C 134 2.32 10.79 22.52
CA VAL C 134 1.06 11.33 23.00
C VAL C 134 -0.04 10.33 22.70
N ALA C 135 -1.11 10.42 23.49
CA ALA C 135 -2.33 9.68 23.28
C ALA C 135 -3.41 10.64 22.78
N ILE C 136 -4.26 10.16 21.86
CA ILE C 136 -5.35 10.97 21.31
C ILE C 136 -6.62 10.14 21.21
N ASP C 137 -7.75 10.83 21.22
CA ASP C 137 -9.00 10.19 20.87
C ASP C 137 -9.04 10.11 19.35
N ALA C 138 -8.79 8.91 18.82
CA ALA C 138 -8.84 8.65 17.40
C ALA C 138 -10.07 7.83 17.01
N GLY C 139 -11.02 7.66 17.92
CA GLY C 139 -12.09 6.72 17.69
C GLY C 139 -13.25 7.35 16.96
N HIS C 140 -12.97 8.05 15.87
CA HIS C 140 -13.97 8.74 15.05
C HIS C 140 -13.65 8.47 13.60
N GLU C 141 -14.69 8.19 12.79
CA GLU C 141 -14.42 7.87 11.39
C GLU C 141 -13.71 9.01 10.68
N SER C 142 -13.90 10.25 11.13
CA SER C 142 -13.17 11.36 10.51
C SER C 142 -11.67 11.10 10.56
N PHE C 143 -11.18 10.50 11.64
CA PHE C 143 -9.75 10.23 11.73
C PHE C 143 -9.34 9.12 10.78
N LEU C 144 -10.14 8.06 10.67
CA LEU C 144 -9.83 7.02 9.70
C LEU C 144 -9.67 7.61 8.30
N PHE C 145 -10.57 8.51 7.93
CA PHE C 145 -10.67 9.05 6.58
C PHE C 145 -9.77 10.26 6.34
N TYR C 146 -8.97 10.66 7.32
CA TYR C 146 -8.19 11.88 7.19
C TYR C 146 -7.19 11.78 6.04
N LYS C 147 -7.08 12.87 5.27
CA LYS C 147 -6.21 12.92 4.09
C LYS C 147 -5.32 14.15 4.12
N GLU C 148 -5.88 15.32 4.43
CA GLU C 148 -5.16 16.58 4.38
C GLU C 148 -5.85 17.60 5.27
N GLY C 149 -5.11 18.64 5.63
CA GLY C 149 -5.70 19.74 6.37
C GLY C 149 -5.51 19.60 7.86
N ILE C 150 -6.18 20.48 8.59
CA ILE C 150 -6.05 20.56 10.04
C ILE C 150 -7.23 19.83 10.66
N TYR C 151 -6.92 18.66 11.23
CA TYR C 151 -7.93 17.75 11.73
C TYR C 151 -8.64 18.35 12.94
N PHE C 152 -9.95 18.47 12.84
CA PHE C 152 -10.78 18.89 13.96
C PHE C 152 -12.05 18.05 13.94
N GLU C 153 -12.32 17.36 15.03
CA GLU C 153 -13.46 16.46 15.17
C GLU C 153 -14.33 17.01 16.28
N PRO C 154 -15.48 17.63 15.98
CA PRO C 154 -16.27 18.22 17.08
C PRO C 154 -16.57 17.27 18.21
N ASP C 155 -16.72 15.98 17.92
CA ASP C 155 -17.06 14.99 18.94
C ASP C 155 -15.84 14.41 19.66
N CYS C 156 -14.69 15.06 19.56
CA CYS C 156 -13.48 14.49 20.14
C CYS C 156 -13.38 14.78 21.62
N SER C 157 -13.18 13.73 22.41
CA SER C 157 -13.05 13.85 23.85
C SER C 157 -11.62 14.18 24.24
N SER C 158 -11.46 15.06 25.21
CA SER C 158 -10.14 15.39 25.73
C SER C 158 -9.76 14.55 26.93
N GLU C 159 -10.59 13.58 27.32
CA GLU C 159 -10.30 12.75 28.48
C GLU C 159 -10.20 11.26 28.17
N ASP C 160 -10.82 10.78 27.08
CA ASP C 160 -10.82 9.37 26.74
C ASP C 160 -10.02 9.18 25.46
N MET C 161 -8.72 9.01 25.62
CA MET C 161 -7.82 8.75 24.50
C MET C 161 -7.75 7.25 24.27
N ASP C 162 -7.58 6.85 23.00
CA ASP C 162 -7.52 5.44 22.68
C ASP C 162 -6.39 5.11 21.70
N HIS C 163 -5.55 6.04 21.33
CA HIS C 163 -4.59 5.82 20.26
C HIS C 163 -3.27 6.54 20.56
N GLY C 164 -2.17 5.81 20.48
CA GLY C 164 -0.84 6.39 20.69
C GLY C 164 -0.21 6.81 19.38
N VAL C 165 0.28 8.05 19.34
CA VAL C 165 0.99 8.61 18.17
C VAL C 165 2.18 9.44 18.63
N LEU C 166 2.77 10.21 17.71
CA LEU C 166 4.04 10.87 17.96
C LEU C 166 3.99 12.28 17.38
N VAL C 167 4.15 13.28 18.26
CA VAL C 167 4.26 14.66 17.84
C VAL C 167 5.70 14.91 17.44
N VAL C 168 5.94 15.27 16.17
CA VAL C 168 7.28 15.56 15.70
C VAL C 168 7.49 17.05 15.47
N GLY C 169 6.50 17.87 15.77
CA GLY C 169 6.62 19.30 15.56
C GLY C 169 5.25 19.96 15.66
N TYR C 170 5.24 21.21 15.22
CA TYR C 170 4.02 21.99 15.25
C TYR C 170 4.22 23.18 14.32
N GLY C 171 3.12 23.84 14.01
CA GLY C 171 3.16 24.97 13.10
C GLY C 171 1.88 25.77 13.16
N PHE C 172 1.74 26.66 12.19
CA PHE C 172 0.63 27.59 12.23
C PHE C 172 0.12 27.87 10.83
N GLU C 173 -1.13 28.34 10.78
CA GLU C 173 -1.77 28.79 9.55
C GLU C 173 -0.96 29.91 8.90
N SER C 174 -0.82 31.05 9.58
CA SER C 174 0.16 32.05 9.22
C SER C 174 0.23 33.20 10.24
N ASN C 179 -6.89 31.02 14.23
CA ASN C 179 -5.45 30.92 13.99
C ASN C 179 -5.08 29.54 13.42
N ASN C 180 -5.90 28.54 13.72
CA ASN C 180 -5.73 27.18 13.20
C ASN C 180 -4.27 26.71 13.27
N LYS C 181 -3.66 26.85 14.44
CA LYS C 181 -2.34 26.27 14.67
C LYS C 181 -2.47 24.74 14.67
N TYR C 182 -1.33 24.05 14.59
CA TYR C 182 -1.43 22.60 14.55
C TYR C 182 -0.21 21.89 15.13
N TRP C 183 -0.47 20.65 15.57
CA TRP C 183 0.55 19.68 15.92
C TRP C 183 0.85 18.81 14.70
N LEU C 184 2.12 18.61 14.41
CA LEU C 184 2.55 17.72 13.34
C LEU C 184 2.73 16.31 13.94
N VAL C 185 1.90 15.37 13.52
CA VAL C 185 1.81 14.07 14.18
C VAL C 185 2.10 12.93 13.19
N LYS C 186 3.00 12.06 13.58
CA LYS C 186 3.29 10.82 12.86
C LYS C 186 2.39 9.71 13.41
N ASN C 187 1.63 9.09 12.52
CA ASN C 187 0.85 7.90 12.80
C ASN C 187 1.61 6.66 12.36
N SER C 188 0.99 5.50 12.56
CA SER C 188 1.59 4.20 12.32
C SER C 188 0.69 3.35 11.43
N TRP C 189 -0.02 3.99 10.50
CA TRP C 189 -0.96 3.29 9.61
C TRP C 189 -0.46 3.29 8.17
N GLY C 190 0.86 3.48 7.97
CA GLY C 190 1.43 3.50 6.65
C GLY C 190 1.34 4.84 5.97
N GLU C 191 1.97 4.88 4.79
CA GLU C 191 2.09 6.10 4.01
C GLU C 191 0.82 6.48 3.27
N GLU C 192 -0.10 5.53 3.03
CA GLU C 192 -1.33 5.85 2.34
C GLU C 192 -2.26 6.67 3.23
N TRP C 193 -2.27 6.40 4.53
CA TRP C 193 -3.11 7.16 5.44
C TRP C 193 -2.63 8.62 5.52
N GLY C 194 -3.58 9.55 5.49
CA GLY C 194 -3.30 10.93 5.79
C GLY C 194 -2.33 11.56 4.82
N MET C 195 -1.46 12.42 5.33
CA MET C 195 -0.51 13.17 4.52
C MET C 195 0.83 12.46 4.57
N GLY C 196 1.00 11.47 3.69
CA GLY C 196 2.17 10.64 3.78
C GLY C 196 2.30 9.91 5.10
N GLY C 197 1.19 9.64 5.78
CA GLY C 197 1.22 9.01 7.09
C GLY C 197 1.16 9.96 8.25
N TYR C 198 1.14 11.26 7.99
CA TYR C 198 1.13 12.31 8.99
C TYR C 198 -0.23 12.99 9.05
N VAL C 199 -0.51 13.62 10.19
CA VAL C 199 -1.74 14.38 10.38
C VAL C 199 -1.39 15.68 11.09
N LYS C 200 -1.99 16.78 10.62
CA LYS C 200 -1.92 18.05 11.33
C LYS C 200 -3.11 18.08 12.27
N MET C 201 -2.84 17.99 13.57
CA MET C 201 -3.91 18.00 14.58
C MET C 201 -4.09 19.41 15.13
N ALA C 202 -5.34 19.81 15.30
CA ALA C 202 -5.66 21.11 15.88
C ALA C 202 -4.86 21.35 17.16
N LYS C 203 -4.11 22.46 17.17
CA LYS C 203 -3.29 22.85 18.30
C LYS C 203 -3.92 24.06 18.96
N ASP C 204 -4.01 24.03 20.29
CA ASP C 204 -4.45 25.20 21.06
C ASP C 204 -5.94 25.43 20.90
N ARG C 205 -6.70 24.33 20.92
CA ARG C 205 -8.15 24.36 20.83
C ARG C 205 -8.77 23.46 21.89
N ARG C 206 -8.57 23.84 23.15
CA ARG C 206 -9.17 23.12 24.28
C ARG C 206 -8.62 21.69 24.38
N ASN C 207 -7.33 21.53 24.15
CA ASN C 207 -6.67 20.23 24.23
C ASN C 207 -7.42 19.23 23.35
N HIS C 208 -7.43 19.52 22.06
CA HIS C 208 -8.29 18.79 21.15
C HIS C 208 -7.88 17.33 21.05
N CYS C 209 -8.84 16.44 21.24
CA CYS C 209 -8.68 14.99 21.17
C CYS C 209 -7.75 14.47 22.25
N GLY C 210 -7.41 15.33 23.23
CA GLY C 210 -6.66 14.88 24.39
C GLY C 210 -5.18 14.79 24.21
N ILE C 211 -4.61 15.56 23.27
CA ILE C 211 -3.25 15.32 22.82
C ILE C 211 -2.20 15.71 23.85
N ALA C 212 -2.53 16.60 24.78
CA ALA C 212 -1.61 16.95 25.85
C ALA C 212 -1.94 16.22 27.15
N SER C 213 -2.94 15.35 27.15
CA SER C 213 -3.38 14.68 28.38
C SER C 213 -2.48 13.54 28.82
N ALA C 214 -1.70 12.95 27.93
CA ALA C 214 -0.86 11.80 28.27
C ALA C 214 0.37 11.80 27.37
N ALA C 215 1.15 12.86 27.44
CA ALA C 215 2.36 13.01 26.65
C ALA C 215 3.59 12.68 27.49
N SER C 216 4.60 12.11 26.84
CA SER C 216 5.78 11.65 27.57
C SER C 216 6.90 11.40 26.59
N TYR C 217 8.10 11.22 27.14
CA TYR C 217 9.25 10.82 26.34
C TYR C 217 10.22 10.06 27.21
N PRO C 218 11.06 9.23 26.63
CA PRO C 218 12.03 8.46 27.42
C PRO C 218 13.26 9.29 27.74
N THR C 219 13.80 9.02 28.93
CA THR C 219 15.07 9.61 29.38
C THR C 219 16.20 8.74 28.87
N VAL C 220 17.07 9.32 28.06
CA VAL C 220 18.15 8.59 27.42
C VAL C 220 19.47 9.14 27.98
N ALA D 1 -22.95 -4.37 -23.73
CA ALA D 1 -23.29 -3.19 -22.87
C ALA D 1 -22.50 -2.01 -23.41
N PRO D 2 -22.84 -0.81 -22.97
CA PRO D 2 -22.05 0.36 -23.35
C PRO D 2 -20.65 0.29 -22.77
N ARG D 3 -19.74 1.07 -23.35
CA ARG D 3 -18.36 1.01 -22.87
C ARG D 3 -18.24 1.59 -21.47
N SER D 4 -19.05 2.59 -21.13
N SER D 4 -19.05 2.60 -21.14
CA SER D 4 -19.06 3.16 -19.80
CA SER D 4 -19.05 3.21 -19.82
C SER D 4 -20.49 3.58 -19.47
C SER D 4 -20.48 3.60 -19.47
N VAL D 5 -20.79 3.60 -18.18
CA VAL D 5 -22.10 4.01 -17.67
C VAL D 5 -21.89 4.83 -16.39
N ASP D 6 -22.69 5.87 -16.23
CA ASP D 6 -22.66 6.64 -14.97
C ASP D 6 -24.08 7.17 -14.76
N TRP D 7 -24.84 6.45 -13.94
CA TRP D 7 -26.23 6.81 -13.77
C TRP D 7 -26.41 8.12 -13.03
N ARG D 8 -25.35 8.69 -12.44
CA ARG D 8 -25.46 10.00 -11.81
C ARG D 8 -25.81 11.06 -12.85
N GLU D 9 -25.30 10.89 -14.06
CA GLU D 9 -25.50 11.88 -15.10
C GLU D 9 -26.91 11.86 -15.63
N LYS D 10 -27.66 10.79 -15.33
CA LYS D 10 -29.02 10.62 -15.79
C LYS D 10 -30.06 10.95 -14.73
N GLY D 11 -29.66 11.36 -13.52
CA GLY D 11 -30.59 11.77 -12.49
C GLY D 11 -31.08 10.67 -11.58
N TYR D 12 -30.42 9.53 -11.55
CA TYR D 12 -30.90 8.36 -10.84
C TYR D 12 -30.41 8.27 -9.40
N VAL D 13 -29.51 9.15 -8.98
CA VAL D 13 -28.67 8.90 -7.81
C VAL D 13 -28.70 10.12 -6.91
N THR D 14 -29.08 9.92 -5.65
CA THR D 14 -29.06 10.96 -4.66
C THR D 14 -27.61 11.25 -4.26
N PRO D 15 -27.37 12.34 -3.55
CA PRO D 15 -26.02 12.58 -3.02
C PRO D 15 -25.61 11.48 -2.06
N VAL D 16 -24.31 11.43 -1.81
CA VAL D 16 -23.76 10.51 -0.82
C VAL D 16 -24.28 10.87 0.56
N LYS D 17 -24.67 9.84 1.30
CA LYS D 17 -25.15 9.90 2.68
C LYS D 17 -24.10 9.33 3.62
N ASN D 18 -24.36 9.48 4.92
CA ASN D 18 -23.46 8.95 5.93
C ASN D 18 -24.25 8.16 6.95
N GLN D 19 -23.94 6.87 7.05
CA GLN D 19 -24.67 5.98 7.93
C GLN D 19 -24.24 6.10 9.39
N GLY D 20 -23.15 6.78 9.69
CA GLY D 20 -22.75 6.94 11.06
C GLY D 20 -22.38 5.62 11.73
N GLN D 21 -22.46 5.61 13.05
CA GLN D 21 -22.03 4.44 13.82
C GLN D 21 -23.26 3.56 14.09
N CYS D 22 -23.67 2.87 13.02
CA CYS D 22 -24.81 1.96 12.98
C CYS D 22 -24.55 1.05 11.78
N GLY D 23 -24.73 -0.24 11.96
CA GLY D 23 -24.41 -1.18 10.89
C GLY D 23 -25.51 -1.30 9.85
N SER D 24 -25.84 -0.19 9.21
CA SER D 24 -27.00 -0.10 8.33
C SER D 24 -26.61 0.05 6.86
N CYS D 25 -25.37 -0.32 6.51
CA CYS D 25 -24.94 -0.18 5.11
C CYS D 25 -25.93 -0.82 4.16
N TRP D 26 -26.50 -1.95 4.54
CA TRP D 26 -27.50 -2.66 3.74
C TRP D 26 -28.70 -1.77 3.43
N ALA D 27 -29.09 -0.94 4.39
CA ALA D 27 -30.25 -0.08 4.18
C ALA D 27 -29.95 1.03 3.19
N PHE D 28 -28.72 1.59 3.24
CA PHE D 28 -28.30 2.62 2.30
C PHE D 28 -28.16 2.06 0.90
N SER D 29 -27.59 0.86 0.77
CA SER D 29 -27.56 0.19 -0.54
C SER D 29 -28.97 0.00 -1.07
N ALA D 30 -29.89 -0.46 -0.22
CA ALA D 30 -31.26 -0.72 -0.66
C ALA D 30 -31.97 0.56 -1.09
N THR D 31 -31.91 1.61 -0.26
CA THR D 31 -32.57 2.84 -0.67
C THR D 31 -31.95 3.37 -1.96
N GLY D 32 -30.64 3.23 -2.11
CA GLY D 32 -30.03 3.69 -3.34
C GLY D 32 -30.59 3.00 -4.57
N ALA D 33 -30.71 1.67 -4.51
CA ALA D 33 -31.26 0.94 -5.66
C ALA D 33 -32.72 1.30 -5.88
N LEU D 34 -33.50 1.44 -4.82
CA LEU D 34 -34.90 1.82 -4.97
C LEU D 34 -35.06 3.27 -5.44
N GLU D 35 -34.18 4.18 -5.01
CA GLU D 35 -34.21 5.53 -5.54
C GLU D 35 -34.04 5.51 -7.05
N GLY D 36 -33.09 4.69 -7.53
CA GLY D 36 -32.85 4.60 -8.96
C GLY D 36 -34.06 4.06 -9.70
N GLN D 37 -34.67 3.01 -9.16
CA GLN D 37 -35.76 2.39 -9.91
C GLN D 37 -37.01 3.22 -9.82
N MET D 38 -37.23 3.93 -8.72
CA MET D 38 -38.38 4.83 -8.69
C MET D 38 -38.20 5.97 -9.67
N PHE D 39 -36.97 6.48 -9.80
CA PHE D 39 -36.73 7.51 -10.79
C PHE D 39 -36.99 6.97 -12.20
N ARG D 40 -36.52 5.76 -12.47
CA ARG D 40 -36.76 5.13 -13.75
C ARG D 40 -38.25 5.05 -14.02
N LYS D 41 -39.02 4.82 -12.97
CA LYS D 41 -40.47 4.67 -13.07
C LYS D 41 -41.19 6.01 -13.01
N THR D 42 -40.73 7.03 -12.34
CA THR D 42 -41.58 8.21 -12.34
C THR D 42 -40.93 9.43 -12.94
N GLY D 43 -39.62 9.43 -13.12
CA GLY D 43 -38.92 10.63 -13.51
C GLY D 43 -38.66 11.60 -12.38
N ARG D 44 -38.93 11.21 -11.14
CA ARG D 44 -38.66 12.04 -9.98
C ARG D 44 -37.73 11.29 -9.03
N LEU D 45 -36.62 11.92 -8.67
CA LEU D 45 -35.69 11.38 -7.69
C LEU D 45 -36.06 11.88 -6.30
N ILE D 46 -36.40 10.96 -5.41
CA ILE D 46 -36.79 11.30 -4.04
C ILE D 46 -35.96 10.44 -3.11
N SER D 47 -35.19 11.08 -2.25
CA SER D 47 -34.38 10.37 -1.28
C SER D 47 -35.27 9.58 -0.33
N LEU D 48 -34.88 8.34 -0.04
CA LEU D 48 -35.71 7.42 0.73
C LEU D 48 -35.12 7.12 2.12
N SER D 49 -35.98 6.67 3.01
CA SER D 49 -35.67 6.59 4.44
C SER D 49 -34.95 5.28 4.79
N GLU D 50 -33.67 5.38 5.09
CA GLU D 50 -32.96 4.24 5.65
C GLU D 50 -33.47 3.91 7.03
N GLN D 51 -33.89 4.94 7.80
CA GLN D 51 -34.36 4.70 9.16
C GLN D 51 -35.60 3.82 9.14
N ASN D 52 -36.51 4.05 8.17
CA ASN D 52 -37.68 3.18 7.94
C ASN D 52 -37.26 1.72 7.79
N LEU D 53 -36.17 1.45 7.04
CA LEU D 53 -35.73 0.07 6.93
C LEU D 53 -35.12 -0.44 8.22
N VAL D 54 -34.28 0.37 8.88
CA VAL D 54 -33.65 -0.06 10.11
C VAL D 54 -34.73 -0.44 11.14
N ASP D 55 -35.77 0.40 11.28
CA ASP D 55 -36.73 0.23 12.36
C ASP D 55 -37.74 -0.87 12.07
N CYS D 56 -38.04 -1.13 10.79
CA CYS D 56 -39.26 -1.81 10.42
C CYS D 56 -39.09 -3.14 9.69
N SER D 57 -37.90 -3.46 9.16
CA SER D 57 -37.75 -4.63 8.30
C SER D 57 -37.17 -5.84 9.03
N GLY D 58 -37.24 -5.87 10.35
CA GLY D 58 -36.92 -7.06 11.12
C GLY D 58 -37.71 -8.27 10.75
N PRO D 59 -39.03 -8.19 10.51
CA PRO D 59 -39.81 -9.37 10.15
C PRO D 59 -39.31 -10.04 8.88
N GLN D 60 -38.61 -9.30 8.03
CA GLN D 60 -38.06 -9.88 6.81
C GLN D 60 -36.64 -10.41 7.02
N GLY D 61 -36.07 -10.26 8.20
CA GLY D 61 -34.78 -10.84 8.51
C GLY D 61 -33.72 -9.84 8.88
N ASN D 62 -33.97 -8.56 8.72
CA ASN D 62 -32.93 -7.59 9.01
C ASN D 62 -32.78 -7.37 10.50
N GLU D 63 -31.59 -6.94 10.89
CA GLU D 63 -31.18 -6.82 12.28
C GLU D 63 -30.72 -5.40 12.59
N GLY D 64 -31.34 -4.40 11.96
CA GLY D 64 -31.12 -3.04 12.37
C GLY D 64 -29.68 -2.61 12.23
N CYS D 65 -29.13 -2.03 13.29
CA CYS D 65 -27.74 -1.61 13.29
C CYS D 65 -26.76 -2.78 13.43
N ASN D 66 -27.26 -4.00 13.56
CA ASN D 66 -26.41 -5.17 13.63
C ASN D 66 -26.30 -5.89 12.29
N GLY D 67 -26.86 -5.30 11.24
CA GLY D 67 -26.67 -5.81 9.89
C GLY D 67 -27.97 -6.21 9.25
N GLY D 68 -27.87 -6.50 7.95
CA GLY D 68 -29.05 -6.86 7.20
C GLY D 68 -28.69 -7.18 5.76
N LEU D 69 -29.72 -7.38 4.95
CA LEU D 69 -29.53 -7.70 3.55
C LEU D 69 -30.44 -6.83 2.68
N MET D 70 -29.91 -6.39 1.54
CA MET D 70 -30.74 -5.55 0.68
C MET D 70 -31.97 -6.31 0.21
N ASP D 71 -31.84 -7.61 -0.05
CA ASP D 71 -32.99 -8.36 -0.55
C ASP D 71 -34.09 -8.40 0.50
N TYR D 72 -33.70 -8.50 1.78
CA TYR D 72 -34.68 -8.46 2.86
C TYR D 72 -35.33 -7.08 2.91
N ALA D 73 -34.58 -6.01 2.62
CA ALA D 73 -35.17 -4.69 2.55
C ALA D 73 -36.18 -4.58 1.41
N PHE D 74 -35.86 -5.13 0.22
CA PHE D 74 -36.81 -5.08 -0.91
C PHE D 74 -38.07 -5.89 -0.59
N GLN D 75 -37.90 -7.00 0.14
CA GLN D 75 -39.06 -7.78 0.59
C GLN D 75 -39.93 -6.98 1.55
N TYR D 76 -39.31 -6.20 2.45
CA TYR D 76 -40.09 -5.37 3.35
C TYR D 76 -40.93 -4.36 2.56
N VAL D 77 -40.31 -3.66 1.61
CA VAL D 77 -41.08 -2.66 0.87
C VAL D 77 -42.28 -3.31 0.18
N GLN D 78 -42.09 -4.51 -0.37
CA GLN D 78 -43.18 -5.26 -1.00
C GLN D 78 -44.25 -5.62 0.01
N ASP D 79 -43.85 -6.31 1.07
CA ASP D 79 -44.77 -6.71 2.12
C ASP D 79 -45.50 -5.51 2.68
N ASN D 80 -44.78 -4.41 2.88
CA ASN D 80 -45.32 -3.26 3.58
C ASN D 80 -46.20 -2.40 2.69
N GLY D 81 -46.08 -2.52 1.38
CA GLY D 81 -46.77 -1.61 0.50
C GLY D 81 -46.14 -0.25 0.39
N GLY D 82 -44.91 -0.05 0.84
CA GLY D 82 -44.34 1.28 0.72
C GLY D 82 -43.10 1.50 1.55
N LEU D 83 -42.55 2.71 1.37
CA LEU D 83 -41.37 3.16 2.09
C LEU D 83 -41.39 4.68 2.14
N ASP D 84 -41.18 5.26 3.32
CA ASP D 84 -41.30 6.69 3.49
C ASP D 84 -40.08 7.42 2.93
N SER D 85 -40.29 8.69 2.59
CA SER D 85 -39.19 9.53 2.15
C SER D 85 -38.20 9.79 3.28
N GLU D 86 -36.94 10.06 2.88
CA GLU D 86 -35.95 10.53 3.83
C GLU D 86 -36.45 11.73 4.62
N GLU D 87 -37.08 12.69 3.94
CA GLU D 87 -37.52 13.92 4.61
C GLU D 87 -38.57 13.63 5.70
N SER D 88 -39.46 12.68 5.44
CA SER D 88 -40.53 12.40 6.39
C SER D 88 -40.07 11.52 7.55
N TYR D 89 -38.97 10.78 7.39
CA TYR D 89 -38.58 9.70 8.32
C TYR D 89 -37.05 9.73 8.37
N PRO D 90 -36.49 10.75 9.03
CA PRO D 90 -35.07 11.02 8.88
C PRO D 90 -34.22 10.02 9.64
N TYR D 91 -32.94 10.04 9.31
CA TYR D 91 -32.01 9.04 9.79
C TYR D 91 -31.40 9.43 11.12
N GLU D 92 -31.39 8.48 12.06
CA GLU D 92 -30.94 8.70 13.41
C GLU D 92 -29.76 7.83 13.82
N ALA D 93 -29.33 6.89 12.97
CA ALA D 93 -28.16 6.06 13.22
C ALA D 93 -28.31 5.20 14.47
N THR D 94 -29.54 4.83 14.81
CA THR D 94 -29.78 3.92 15.92
C THR D 94 -31.17 3.35 15.75
N GLU D 95 -31.39 2.15 16.30
CA GLU D 95 -32.63 1.44 16.04
C GLU D 95 -33.73 1.97 16.95
N GLU D 96 -34.91 2.16 16.36
CA GLU D 96 -36.07 2.67 17.08
C GLU D 96 -37.28 1.84 16.65
N SER D 97 -38.38 2.02 17.37
CA SER D 97 -39.62 1.35 16.98
C SER D 97 -40.07 1.88 15.62
N CYS D 98 -40.82 1.05 14.91
N CYS D 98 -40.80 1.02 14.90
CA CYS D 98 -41.24 1.39 13.56
CA CYS D 98 -41.33 1.37 13.58
C CYS D 98 -42.32 2.46 13.55
C CYS D 98 -42.26 2.56 13.67
N LYS D 99 -42.05 3.55 12.81
CA LYS D 99 -43.00 4.66 12.67
C LYS D 99 -43.39 4.90 11.23
N TYR D 100 -43.42 3.85 10.43
CA TYR D 100 -43.87 3.97 9.06
C TYR D 100 -45.26 4.56 8.99
N ASN D 101 -45.43 5.50 8.06
CA ASN D 101 -46.71 6.15 7.77
C ASN D 101 -46.97 6.06 6.27
N PRO D 102 -47.97 5.30 5.85
CA PRO D 102 -48.19 5.13 4.40
C PRO D 102 -48.52 6.41 3.67
N LYS D 103 -48.97 7.45 4.37
CA LYS D 103 -49.27 8.72 3.70
C LYS D 103 -48.02 9.40 3.19
N TYR D 104 -46.88 9.08 3.77
CA TYR D 104 -45.60 9.67 3.39
C TYR D 104 -44.78 8.71 2.57
N SER D 105 -45.38 7.61 2.11
CA SER D 105 -44.68 6.68 1.24
C SER D 105 -44.49 7.29 -0.13
N VAL D 106 -43.27 7.19 -0.64
CA VAL D 106 -42.99 7.66 -1.98
C VAL D 106 -42.40 6.56 -2.85
N ALA D 107 -42.38 5.32 -2.35
CA ALA D 107 -41.85 4.20 -3.13
C ALA D 107 -42.60 2.90 -2.84
N ASN D 108 -42.47 1.96 -3.76
CA ASN D 108 -42.98 0.61 -3.63
C ASN D 108 -42.16 -0.30 -4.53
N ASP D 109 -42.22 -1.59 -4.24
CA ASP D 109 -41.72 -2.58 -5.18
C ASP D 109 -42.52 -3.86 -5.06
N ALA D 110 -42.31 -4.74 -6.03
CA ALA D 110 -43.07 -5.96 -6.18
C ALA D 110 -42.15 -7.16 -6.07
N GLY D 111 -41.07 -7.01 -5.31
CA GLY D 111 -40.10 -8.07 -5.18
C GLY D 111 -38.74 -7.60 -5.67
N PHE D 112 -37.88 -8.53 -6.05
CA PHE D 112 -36.52 -8.16 -6.43
C PHE D 112 -35.98 -9.22 -7.37
N VAL D 113 -34.88 -8.89 -8.03
CA VAL D 113 -34.19 -9.78 -8.96
C VAL D 113 -32.76 -9.96 -8.45
N ASP D 114 -32.37 -11.22 -8.26
CA ASP D 114 -30.99 -11.58 -7.94
C ASP D 114 -30.25 -11.84 -9.25
N ILE D 115 -29.14 -11.15 -9.45
CA ILE D 115 -28.39 -11.24 -10.71
C ILE D 115 -27.47 -12.45 -10.66
N PRO D 116 -27.28 -13.17 -11.79
CA PRO D 116 -26.34 -14.28 -11.79
C PRO D 116 -24.97 -13.81 -11.33
N LYS D 117 -24.23 -14.74 -10.71
CA LYS D 117 -23.04 -14.39 -9.94
C LYS D 117 -21.80 -14.33 -10.82
N GLN D 118 -21.84 -13.42 -11.80
CA GLN D 118 -20.65 -13.13 -12.61
C GLN D 118 -20.73 -11.70 -13.14
N GLU D 119 -19.56 -11.16 -13.45
CA GLU D 119 -19.51 -9.73 -13.75
C GLU D 119 -20.07 -9.38 -15.11
N LYS D 120 -20.14 -10.30 -16.06
CA LYS D 120 -20.77 -9.96 -17.34
C LYS D 120 -22.25 -9.73 -17.12
N ALA D 121 -22.87 -10.51 -16.24
CA ALA D 121 -24.29 -10.31 -15.91
C ALA D 121 -24.49 -9.05 -15.10
N LEU D 122 -23.60 -8.77 -14.16
CA LEU D 122 -23.68 -7.51 -13.42
C LEU D 122 -23.61 -6.34 -14.37
N MET D 123 -22.69 -6.38 -15.33
CA MET D 123 -22.54 -5.28 -16.27
C MET D 123 -23.84 -5.08 -17.05
N LYS D 124 -24.42 -6.17 -17.55
CA LYS D 124 -25.67 -6.05 -18.28
C LYS D 124 -26.76 -5.46 -17.39
N ALA D 125 -26.84 -5.88 -16.13
CA ALA D 125 -27.86 -5.29 -15.25
C ALA D 125 -27.62 -3.79 -15.05
N VAL D 126 -26.37 -3.38 -14.78
CA VAL D 126 -26.11 -1.96 -14.56
C VAL D 126 -26.49 -1.17 -15.80
N ALA D 127 -26.18 -1.73 -16.95
CA ALA D 127 -26.41 -0.99 -18.19
C ALA D 127 -27.89 -0.89 -18.53
N THR D 128 -28.68 -1.88 -18.18
CA THR D 128 -30.06 -1.96 -18.66
C THR D 128 -31.11 -1.67 -17.61
N VAL D 129 -30.72 -1.68 -16.35
CA VAL D 129 -31.66 -1.53 -15.25
C VAL D 129 -31.48 -0.20 -14.53
N GLY D 130 -30.27 0.09 -14.11
CA GLY D 130 -30.03 1.20 -13.24
C GLY D 130 -29.00 0.82 -12.18
N PRO D 131 -28.88 1.65 -11.15
CA PRO D 131 -27.99 1.29 -10.04
C PRO D 131 -28.39 -0.02 -9.37
N ILE D 132 -27.37 -0.80 -9.00
CA ILE D 132 -27.54 -2.17 -8.52
C ILE D 132 -26.98 -2.30 -7.11
N SER D 133 -27.75 -2.90 -6.21
CA SER D 133 -27.25 -3.20 -4.88
C SER D 133 -26.27 -4.37 -4.96
N VAL D 134 -25.10 -4.22 -4.33
CA VAL D 134 -24.13 -5.29 -4.27
C VAL D 134 -23.53 -5.38 -2.87
N ALA D 135 -23.02 -6.58 -2.56
CA ALA D 135 -22.21 -6.82 -1.37
C ALA D 135 -20.77 -6.93 -1.81
N ILE D 136 -19.85 -6.40 -1.00
CA ILE D 136 -18.43 -6.51 -1.29
C ILE D 136 -17.66 -6.86 -0.02
N ASP D 137 -16.48 -7.45 -0.21
CA ASP D 137 -15.50 -7.58 0.88
C ASP D 137 -14.84 -6.21 1.05
N ALA D 138 -15.27 -5.47 2.08
CA ALA D 138 -14.68 -4.19 2.43
C ALA D 138 -13.80 -4.28 3.66
N GLY D 139 -13.45 -5.49 4.10
CA GLY D 139 -12.85 -5.65 5.40
C GLY D 139 -11.33 -5.58 5.37
N HIS D 140 -10.81 -4.49 4.84
CA HIS D 140 -9.39 -4.22 4.77
C HIS D 140 -9.14 -2.74 5.00
N GLU D 141 -8.02 -2.45 5.67
CA GLU D 141 -7.58 -1.08 5.85
C GLU D 141 -7.41 -0.35 4.54
N SER D 142 -7.03 -1.04 3.46
CA SER D 142 -6.92 -0.34 2.19
C SER D 142 -8.27 0.28 1.79
N PHE D 143 -9.36 -0.36 2.16
CA PHE D 143 -10.68 0.17 1.78
C PHE D 143 -11.00 1.41 2.61
N LEU D 144 -10.67 1.38 3.90
CA LEU D 144 -10.90 2.54 4.75
C LEU D 144 -10.15 3.76 4.20
N PHE D 145 -8.90 3.56 3.76
CA PHE D 145 -8.01 4.65 3.40
C PHE D 145 -8.07 4.99 1.92
N TYR D 146 -8.94 4.34 1.16
CA TYR D 146 -8.99 4.55 -0.27
C TYR D 146 -9.16 6.04 -0.59
N LYS D 147 -8.38 6.52 -1.56
CA LYS D 147 -8.42 7.91 -1.97
C LYS D 147 -8.86 8.08 -3.42
N GLU D 148 -8.21 7.36 -4.34
N GLU D 148 -8.23 7.35 -4.34
CA GLU D 148 -8.49 7.52 -5.77
CA GLU D 148 -8.48 7.53 -5.77
C GLU D 148 -7.99 6.29 -6.49
C GLU D 148 -7.96 6.30 -6.51
N GLY D 149 -8.31 6.22 -7.79
CA GLY D 149 -7.83 5.16 -8.63
C GLY D 149 -8.72 3.94 -8.49
N ILE D 150 -8.28 2.85 -9.08
CA ILE D 150 -9.06 1.63 -9.13
C ILE D 150 -8.62 0.74 -7.97
N TYR D 151 -9.54 0.51 -7.05
CA TYR D 151 -9.29 -0.30 -5.87
C TYR D 151 -9.05 -1.76 -6.24
N PHE D 152 -7.88 -2.27 -5.86
CA PHE D 152 -7.53 -3.66 -6.02
C PHE D 152 -6.82 -4.06 -4.74
N GLU D 153 -7.37 -5.01 -4.02
CA GLU D 153 -6.83 -5.46 -2.73
C GLU D 153 -6.45 -6.93 -2.85
N PRO D 154 -5.17 -7.27 -2.77
CA PRO D 154 -4.80 -8.69 -2.95
C PRO D 154 -5.56 -9.67 -2.09
N ASP D 155 -5.92 -9.31 -0.86
CA ASP D 155 -6.58 -10.22 0.06
C ASP D 155 -8.10 -10.19 -0.06
N CYS D 156 -8.65 -9.56 -1.10
CA CYS D 156 -10.09 -9.51 -1.23
C CYS D 156 -10.65 -10.88 -1.56
N SER D 157 -11.80 -11.17 -0.96
CA SER D 157 -12.50 -12.41 -1.17
C SER D 157 -13.70 -12.24 -2.08
N SER D 158 -13.93 -13.23 -2.92
N SER D 158 -13.94 -13.23 -2.91
CA SER D 158 -15.12 -13.29 -3.76
CA SER D 158 -15.13 -13.25 -3.74
C SER D 158 -16.26 -14.01 -3.07
C SER D 158 -16.26 -14.00 -3.07
N GLU D 159 -16.03 -14.54 -1.88
CA GLU D 159 -17.03 -15.31 -1.15
C GLU D 159 -17.47 -14.66 0.15
N ASP D 160 -16.60 -13.90 0.80
CA ASP D 160 -16.90 -13.43 2.16
C ASP D 160 -17.19 -11.93 2.23
N MET D 161 -18.18 -11.49 1.47
CA MET D 161 -18.55 -10.08 1.47
C MET D 161 -19.16 -9.70 2.81
N ASP D 162 -18.90 -8.47 3.22
CA ASP D 162 -19.36 -7.97 4.50
C ASP D 162 -19.99 -6.59 4.45
N HIS D 163 -20.13 -5.98 3.28
CA HIS D 163 -20.49 -4.57 3.19
C HIS D 163 -21.43 -4.40 2.00
N GLY D 164 -22.52 -3.68 2.22
CA GLY D 164 -23.46 -3.40 1.15
C GLY D 164 -23.22 -2.01 0.59
N VAL D 165 -23.19 -1.93 -0.73
CA VAL D 165 -22.97 -0.68 -1.46
C VAL D 165 -23.79 -0.67 -2.73
N LEU D 166 -23.56 0.32 -3.60
CA LEU D 166 -24.40 0.52 -4.78
C LEU D 166 -23.55 0.77 -5.99
N VAL D 167 -23.71 -0.05 -7.02
CA VAL D 167 -22.99 0.16 -8.27
C VAL D 167 -23.81 1.11 -9.10
N VAL D 168 -23.24 2.27 -9.42
CA VAL D 168 -23.93 3.29 -10.22
C VAL D 168 -23.38 3.39 -11.64
N GLY D 169 -22.39 2.59 -12.00
CA GLY D 169 -21.88 2.58 -13.36
C GLY D 169 -20.58 1.80 -13.41
N TYR D 170 -19.84 2.02 -14.48
CA TYR D 170 -18.59 1.30 -14.73
C TYR D 170 -17.87 2.02 -15.87
N GLY D 171 -16.59 1.71 -16.02
CA GLY D 171 -15.82 2.35 -17.09
C GLY D 171 -14.40 1.85 -17.08
N PHE D 172 -13.53 2.69 -17.65
CA PHE D 172 -12.11 2.35 -17.75
C PHE D 172 -11.31 3.64 -17.69
N GLU D 173 -10.09 3.50 -17.18
CA GLU D 173 -9.05 4.51 -17.10
C GLU D 173 -7.96 4.14 -18.09
N SER D 174 -7.15 5.13 -18.46
CA SER D 174 -6.10 4.93 -19.45
C SER D 174 -6.64 4.46 -20.79
N THR D 175 -5.73 3.93 -21.62
CA THR D 175 -6.07 3.40 -22.93
C THR D 175 -6.95 2.16 -22.80
N GLU D 176 -7.99 2.09 -23.62
CA GLU D 176 -8.96 1.00 -23.47
C GLU D 176 -8.28 -0.36 -23.53
N SER D 177 -7.26 -0.49 -24.39
CA SER D 177 -6.61 -1.78 -24.57
C SER D 177 -5.86 -2.23 -23.33
N ASP D 178 -5.62 -1.33 -22.37
CA ASP D 178 -4.99 -1.73 -21.11
C ASP D 178 -5.93 -2.56 -20.23
N ASN D 179 -7.24 -2.57 -20.53
CA ASN D 179 -8.21 -3.28 -19.70
C ASN D 179 -8.14 -2.82 -18.24
N ASN D 180 -8.02 -1.51 -18.07
CA ASN D 180 -7.94 -0.88 -16.76
C ASN D 180 -9.35 -0.45 -16.35
N LYS D 181 -10.15 -1.45 -16.01
CA LYS D 181 -11.59 -1.27 -15.90
C LYS D 181 -12.05 -1.21 -14.45
N TYR D 182 -13.17 -0.50 -14.24
CA TYR D 182 -13.66 -0.41 -12.88
C TYR D 182 -15.19 -0.39 -12.83
N TRP D 183 -15.71 -0.77 -11.66
CA TRP D 183 -17.08 -0.47 -11.24
C TRP D 183 -17.10 0.84 -10.47
N LEU D 184 -18.09 1.68 -10.74
CA LEU D 184 -18.24 2.94 -10.01
C LEU D 184 -19.23 2.69 -8.88
N VAL D 185 -18.78 2.86 -7.65
CA VAL D 185 -19.49 2.36 -6.48
C VAL D 185 -19.76 3.51 -5.51
N LYS D 186 -21.01 3.67 -5.13
CA LYS D 186 -21.43 4.63 -4.11
C LYS D 186 -21.42 3.96 -2.74
N ASN D 187 -20.70 4.52 -1.80
CA ASN D 187 -20.62 4.06 -0.42
C ASN D 187 -21.55 4.96 0.41
N SER D 188 -21.67 4.64 1.69
CA SER D 188 -22.51 5.36 2.65
C SER D 188 -21.70 5.87 3.85
N TRP D 189 -20.47 6.34 3.60
CA TRP D 189 -19.58 6.79 4.67
C TRP D 189 -19.28 8.28 4.53
N GLY D 190 -20.18 9.01 3.87
CA GLY D 190 -19.99 10.44 3.71
C GLY D 190 -19.08 10.76 2.55
N GLU D 191 -19.10 12.03 2.14
CA GLU D 191 -18.34 12.42 0.96
C GLU D 191 -16.85 12.60 1.24
N GLU D 192 -16.45 12.65 2.51
CA GLU D 192 -15.05 12.75 2.90
C GLU D 192 -14.31 11.43 2.76
N TRP D 193 -15.03 10.30 2.74
CA TRP D 193 -14.41 9.02 2.44
C TRP D 193 -14.18 8.89 0.94
N GLY D 194 -13.08 8.26 0.54
CA GLY D 194 -12.91 7.96 -0.88
C GLY D 194 -12.89 9.17 -1.80
N MET D 195 -13.50 9.00 -2.97
N MET D 195 -13.46 8.97 -3.00
CA MET D 195 -13.53 10.01 -4.02
CA MET D 195 -13.53 10.00 -4.03
C MET D 195 -14.92 10.65 -3.97
C MET D 195 -14.92 10.63 -3.94
N GLY D 196 -15.06 11.61 -3.06
CA GLY D 196 -16.36 12.21 -2.83
C GLY D 196 -17.38 11.21 -2.34
N GLY D 197 -16.95 10.15 -1.66
CA GLY D 197 -17.86 9.14 -1.18
C GLY D 197 -17.99 7.94 -2.08
N TYR D 198 -17.29 7.94 -3.20
CA TYR D 198 -17.33 6.91 -4.21
C TYR D 198 -16.01 6.16 -4.24
N VAL D 199 -16.05 4.95 -4.78
CA VAL D 199 -14.86 4.16 -5.04
C VAL D 199 -14.98 3.51 -6.42
N LYS D 200 -13.89 3.52 -7.15
CA LYS D 200 -13.75 2.71 -8.35
C LYS D 200 -13.17 1.35 -7.93
N MET D 201 -13.91 0.28 -8.20
N MET D 201 -13.94 0.28 -8.19
CA MET D 201 -13.47 -1.04 -7.78
CA MET D 201 -13.57 -1.07 -7.79
C MET D 201 -13.13 -1.91 -8.97
C MET D 201 -13.10 -1.87 -9.01
N ALA D 202 -12.05 -2.68 -8.83
CA ALA D 202 -11.54 -3.53 -9.89
C ALA D 202 -12.64 -4.35 -10.58
N LYS D 203 -12.67 -4.27 -11.91
CA LYS D 203 -13.69 -4.89 -12.75
C LYS D 203 -13.05 -5.91 -13.70
N ASP D 204 -13.70 -7.06 -13.85
CA ASP D 204 -13.28 -8.11 -14.79
C ASP D 204 -11.95 -8.71 -14.36
N ARG D 205 -11.78 -8.83 -13.05
CA ARG D 205 -10.70 -9.62 -12.47
C ARG D 205 -11.29 -10.79 -11.66
N ARG D 206 -12.14 -11.59 -12.30
CA ARG D 206 -12.79 -12.73 -11.66
C ARG D 206 -13.47 -12.35 -10.33
N ASN D 207 -14.34 -11.35 -10.41
CA ASN D 207 -15.27 -11.03 -9.32
C ASN D 207 -14.53 -10.55 -8.07
N HIS D 208 -13.64 -9.58 -8.28
CA HIS D 208 -12.83 -9.05 -7.20
C HIS D 208 -13.70 -8.48 -6.08
N CYS D 209 -13.39 -8.88 -4.85
CA CYS D 209 -14.10 -8.52 -3.63
C CYS D 209 -15.55 -8.98 -3.63
N GLY D 210 -15.92 -9.87 -4.54
CA GLY D 210 -17.24 -10.45 -4.52
C GLY D 210 -18.34 -9.56 -5.05
N ILE D 211 -18.00 -8.53 -5.82
CA ILE D 211 -18.96 -7.49 -6.19
C ILE D 211 -20.14 -8.07 -6.98
N ALA D 212 -19.93 -9.19 -7.69
CA ALA D 212 -20.99 -9.83 -8.44
C ALA D 212 -21.62 -11.02 -7.70
N SER D 213 -21.25 -11.25 -6.45
CA SER D 213 -21.66 -12.47 -5.78
C SER D 213 -23.04 -12.38 -5.15
N ALA D 214 -23.48 -11.17 -4.80
CA ALA D 214 -24.79 -10.97 -4.17
C ALA D 214 -25.39 -9.65 -4.66
N ALA D 215 -25.61 -9.55 -5.98
CA ALA D 215 -26.13 -8.35 -6.61
C ALA D 215 -27.63 -8.49 -6.89
N SER D 216 -28.36 -7.40 -6.66
CA SER D 216 -29.79 -7.44 -6.91
C SER D 216 -30.34 -6.05 -7.06
N TYR D 217 -31.61 -5.99 -7.47
CA TYR D 217 -32.32 -4.73 -7.57
C TYR D 217 -33.79 -4.98 -7.33
N PRO D 218 -34.54 -3.96 -6.95
CA PRO D 218 -35.98 -4.13 -6.73
C PRO D 218 -36.77 -3.99 -8.02
N THR D 219 -37.85 -4.74 -8.10
N THR D 219 -37.86 -4.75 -8.08
CA THR D 219 -38.74 -4.68 -9.25
CA THR D 219 -38.80 -4.70 -9.19
C THR D 219 -39.88 -3.71 -8.92
C THR D 219 -39.87 -3.66 -8.87
N VAL D 220 -39.98 -2.62 -9.68
CA VAL D 220 -40.97 -1.60 -9.34
C VAL D 220 -42.06 -1.44 -10.38
C1 PGE E . 38.27 14.18 1.79
O1 PGE E . 39.41 13.62 2.45
C2 PGE E . 37.03 13.67 2.42
O2 PGE E . 35.95 13.77 1.48
C3 PGE E . 34.72 14.15 2.09
C4 PGE E . 33.85 14.75 1.01
O4 PGE E . 34.33 14.68 -3.61
C6 PGE E . 34.56 14.07 -2.37
C5 PGE E . 33.54 14.49 -1.32
O3 PGE E . 33.78 13.85 -0.08
H1 PGE E . 38.30 15.27 1.85
H12 PGE E . 38.28 13.93 0.74
HO1 PGE E . 40.20 14.16 2.17
H2 PGE E . 37.16 12.65 2.74
H22 PGE E . 36.81 14.25 3.32
H3 PGE E . 34.25 13.29 2.54
H32 PGE E . 34.91 14.86 2.90
H4 PGE E . 32.86 14.95 1.42
H42 PGE E . 34.26 15.71 0.71
HO4 PGE E . 33.77 15.49 -3.45
H6 PGE E . 35.58 14.34 -2.09
H62 PGE E . 34.55 13.00 -2.56
H5 PGE E . 32.53 14.25 -1.67
H52 PGE E . 33.57 15.57 -1.19
C1 PGE F . 26.27 32.70 5.93
O1 PGE F . 25.55 32.23 7.09
C2 PGE F . 26.46 31.62 4.93
O2 PGE F . 26.81 32.25 3.72
C3 PGE F . 26.12 31.75 2.58
C4 PGE F . 25.21 32.79 2.00
O4 PGE F . 21.87 34.75 4.15
C6 PGE F . 21.88 33.62 3.31
C5 PGE F . 23.00 33.70 2.30
O3 PGE F . 23.93 32.66 2.60
H1 PGE F . 25.73 33.53 5.49
H12 PGE F . 27.24 33.09 6.25
HO1 PGE F . 25.45 31.25 6.98
H2 PGE F . 27.24 30.94 5.26
H22 PGE F . 25.56 31.03 4.84
H3 PGE F . 26.84 31.43 1.83
H32 PGE F . 25.54 30.87 2.86
H4 PGE F . 25.62 33.78 2.16
H42 PGE F . 25.14 32.65 0.92
HO4 PGE F . 22.01 35.55 3.59
H6 PGE F . 20.89 33.60 2.85
H62 PGE F . 21.95 32.76 3.97
H5 PGE F . 23.50 34.67 2.33
H52 PGE F . 22.62 33.58 1.28
N1 M6L G . 9.01 23.05 -12.27
N3 M6L G . 12.40 22.38 -15.31
C4 M6L G . 11.81 23.20 -14.26
C5 M6L G . 11.13 22.31 -13.21
C6 M6L G . 10.34 23.19 -12.27
C7 M6L G . 8.12 23.84 -11.44
C8 M6L G . 8.01 25.28 -11.89
C10 M6L G . 7.75 27.59 -11.48
C13 M6L G . 13.66 22.49 -15.70
C15 M6L G . 14.73 20.22 -16.04
C17 M6L G . 14.24 18.69 -17.90
C20 M6L G . 15.82 24.77 -19.72
C21 M6L G . 17.19 25.14 -20.19
C22 M6L G . 17.40 25.56 -21.49
C24 M6L G . 19.77 25.58 -21.14
C26 M6L G . 18.29 24.95 -19.36
C1 M6L G . 11.56 26.31 -15.94
C11 M6L G . 7.97 27.82 -12.81
C12 M6L G . 8.19 26.75 -13.62
C14 M6L G . 14.16 21.47 -16.71
C16 M6L G . 15.30 19.22 -17.02
C18 M6L G . 16.02 18.16 -16.37
C19 M6L G . 14.87 23.09 -18.33
C2 M6L G . 11.36 24.88 -16.13
C23 M6L G . 18.69 25.79 -21.96
C25 M6L G . 19.57 25.16 -19.84
C3 M6L G . 10.86 24.20 -14.87
C9 M6L G . 7.77 26.29 -11.00
N2 M6L G . 8.22 25.49 -13.19
N4 M6L G . 15.18 22.11 -17.50
O1 M6L G . 10.28 21.44 -13.92
O2 M6L G . 10.93 23.98 -11.55
O3 M6L G . 14.40 23.36 -15.30
O4 M6L G . 13.75 23.44 -18.61
O5 M6L G . 15.98 23.61 -18.87
H9 M6L G . 8.66 22.45 -12.80
H16 M6L G . 11.89 21.78 -15.70
H8 M6L G . 12.53 23.70 -13.83
H11 M6L G . 8.42 23.80 -10.50
H10 M6L G . 7.25 23.41 -11.48
H13 M6L G . 7.59 28.33 -10.87
H19 M6L G . 14.02 19.77 -15.54
H18 M6L G . 15.41 20.47 -15.38
H23 M6L G . 13.46 19.30 -17.90
H22 M6L G . 14.57 18.61 -18.82
H21 M6L G . 13.94 17.82 -17.60
H29 M6L G . 15.42 25.51 -19.21
H28 M6L G . 15.24 24.57 -20.48
H30 M6L G . 16.65 25.72 -22.09
H32 M6L G . 20.68 25.73 -21.47
H34 M6L G . 18.17 24.65 -18.44
H2 M6L G . 12.42 26.60 -16.29
H1 M6L G . 11.50 26.56 -15.00
H3 M6L G . 10.87 26.81 -16.42
H14 M6L G . 7.97 28.73 -13.17
H15 M6L G . 8.36 26.87 -14.58
H17 M6L G . 13.41 21.23 -17.29
H20 M6L G . 15.93 19.70 -17.59
H25 M6L G . 16.97 18.39 -16.24
H26 M6L G . 16.00 17.34 -16.92
H24 M6L G . 15.64 17.94 -15.50
H5 M6L G . 12.21 24.48 -16.36
H4 M6L G . 10.75 24.72 -16.88
H31 M6L G . 18.83 26.08 -22.88
H33 M6L G . 20.34 25.02 -19.25
H7 M6L G . 10.61 24.89 -14.21
H6 M6L G . 10.03 23.74 -15.11
H12 M6L G . 7.62 26.12 -10.05
H27 M6L G . 16.03 21.86 -17.44
H36 M6L G . 10.71 20.72 -14.04
S DMS H . 6.59 21.15 -14.50
O DMS H . 6.72 22.23 -13.47
C1 DMS H . 4.88 21.10 -15.14
C2 DMS H . 7.48 21.64 -16.00
H11 DMS H . 4.24 21.57 -14.45
H12 DMS H . 4.59 20.09 -15.27
H13 DMS H . 4.84 21.60 -16.07
H21 DMS H . 8.18 22.40 -15.76
H22 DMS H . 6.79 22.00 -16.71
H23 DMS H . 7.99 20.80 -16.39
C1 EDO I . 19.96 -28.20 -11.72
O1 EDO I . 18.61 -28.60 -11.95
C2 EDO I . 19.98 -27.30 -10.49
O2 EDO I . 21.00 -26.31 -10.68
H11 EDO I . 20.58 -29.08 -11.56
H12 EDO I . 20.34 -27.67 -12.58
HO1 EDO I . 18.23 -28.06 -12.66
H21 EDO I . 19.00 -26.83 -10.34
H22 EDO I . 20.19 -27.89 -9.59
HO2 EDO I . 21.38 -26.06 -9.82
C1 PEG J . 12.73 -34.11 -20.83
O1 PEG J . 12.86 -35.27 -21.58
C2 PEG J . 12.72 -34.41 -19.32
O2 PEG J . 13.87 -33.88 -18.72
C3 PEG J . 14.05 -34.14 -17.35
C4 PEG J . 14.73 -35.49 -17.10
O4 PEG J . 15.76 -35.41 -16.15
H11 PEG J . 13.56 -33.45 -21.04
H12 PEG J . 11.80 -33.61 -21.09
HO1 PEG J . 12.36 -35.96 -21.19
H21 PEG J . 11.84 -33.97 -18.87
H22 PEG J . 12.70 -35.48 -19.18
H31 PEG J . 14.67 -33.36 -16.92
H32 PEG J . 13.08 -34.13 -16.87
H41 PEG J . 13.98 -36.19 -16.74
H42 PEG J . 15.14 -35.85 -18.04
HO4 PEG J . 15.43 -35.03 -15.34
C1 PEG K . -3.37 -29.74 7.11
O1 PEG K . -2.03 -30.10 7.38
C2 PEG K . -3.59 -29.67 5.60
O2 PEG K . -4.62 -28.78 5.24
C3 PEG K . -4.26 -27.64 4.52
C4 PEG K . -5.39 -27.07 3.63
O4 PEG K . -6.27 -26.22 4.35
H11 PEG K . -4.04 -30.49 7.53
H12 PEG K . -3.59 -28.78 7.55
HO1 PEG K . -1.97 -30.54 8.22
H21 PEG K . -2.67 -29.35 5.12
H22 PEG K . -3.86 -30.66 5.23
H31 PEG K . -3.96 -26.87 5.22
H32 PEG K . -3.42 -27.90 3.87
H41 PEG K . -4.94 -26.49 2.83
H42 PEG K . -5.96 -27.89 3.23
HO4 PEG K . -6.47 -26.60 5.19
N1 M6L L . 17.16 -23.08 -11.95
N3 M6L L . 15.79 -18.77 -12.44
C4 M6L L . 16.06 -20.04 -13.10
C5 M6L L . 15.71 -21.21 -12.16
C6 M6L L . 16.21 -22.55 -12.67
C7 M6L L . 17.78 -24.33 -12.31
C8 M6L L . 18.69 -24.25 -13.52
C10 M6L L . 19.50 -25.10 -15.60
C13 M6L L . 15.01 -17.85 -13.03
C15 M6L L . 13.41 -16.84 -11.44
C17 M6L L . 13.87 -15.17 -9.58
C20 M6L L . 16.14 -13.71 -15.72
C21 M6L L . 15.49 -12.78 -16.71
C22 M6L L . 14.24 -13.06 -17.22
C24 M6L L . 14.26 -11.02 -18.49
C26 M6L L . 16.12 -11.60 -17.10
C1 M6L L . 19.33 -18.98 -14.92
C11 M6L L . 20.18 -23.92 -15.80
C12 M6L L . 20.08 -22.96 -14.81
C14 M6L L . 14.71 -16.59 -12.21
C16 M6L L . 12.88 -15.66 -10.65
C18 M6L L . 11.51 -16.04 -10.02
C19 M6L L . 15.60 -15.07 -13.85
C2 M6L L . 17.88 -19.38 -14.79
C23 M6L L . 13.62 -12.18 -18.11
C25 M6L L . 15.52 -10.73 -17.98
C3 M6L L . 17.52 -20.13 -13.50
C9 M6L L . 18.75 -25.28 -14.45
N2 M6L L . 19.35 -23.10 -13.69
N4 M6L L . 14.68 -15.33 -12.92
O1 M6L L . 16.24 -20.91 -10.89
O2 M6L L . 15.77 -23.01 -13.72
O3 M6L L . 14.52 -18.02 -14.15
O4 M6L L . 16.75 -15.46 -13.80
O5 M6L L . 15.16 -14.16 -14.73
H9 M6L L . 17.43 -22.67 -11.22
H16 M6L L . 16.15 -18.59 -11.66
H8 M6L L . 15.50 -20.08 -13.91
H11 M6L L . 17.07 -24.99 -12.46
H10 M6L L . 18.30 -24.64 -11.53
H13 M6L L . 19.55 -25.81 -16.27
H19 M6L L . 13.55 -17.59 -10.82
H18 M6L L . 12.72 -17.13 -12.07
H23 M6L L . 14.36 -14.38 -9.89
H22 M6L L . 13.42 -14.95 -8.74
H21 M6L L . 14.54 -15.87 -9.38
H29 M6L L . 16.49 -14.49 -16.20
H28 M6L L . 16.87 -13.26 -15.27
H30 M6L L . 13.77 -13.87 -16.96
H32 M6L L . 13.82 -10.39 -19.11
H34 M6L L . 17.02 -11.38 -16.75
H2 M6L L . 19.42 -18.01 -15.05
H1 M6L L . 19.75 -19.41 -15.69
H3 M6L L . 19.85 -19.23 -14.13
H14 M6L L . 20.72 -23.77 -16.59
H15 M6L L . 20.55 -22.09 -14.91
H17 M6L L . 15.49 -16.49 -11.63
H20 M6L L . 12.74 -14.90 -11.24
H25 M6L L . 10.77 -15.83 -10.63
H26 M6L L . 11.35 -15.56 -9.18
H24 M6L L . 11.46 -16.99 -9.82
H5 M6L L . 17.33 -18.57 -14.86
H4 M6L L . 17.64 -19.93 -15.56
H31 M6L L . 12.73 -12.38 -18.46
H33 M6L L . 15.97 -9.90 -18.25
H7 M6L L . 17.78 -21.06 -13.61
H6 M6L L . 18.09 -19.77 -12.77
H12 M6L L . 18.26 -26.12 -14.31
H27 M6L L . 14.29 -14.63 -12.54
H36 M6L L . 15.58 -20.73 -10.39
C1 EDO M . -6.56 -5.98 -16.89
O1 EDO M . -7.42 -5.83 -15.77
C2 EDO M . -5.62 -7.16 -16.71
O2 EDO M . -5.36 -7.63 -18.04
H11 EDO M . -7.16 -6.12 -17.80
H12 EDO M . -5.98 -5.07 -17.02
HO1 EDO M . -8.03 -5.09 -15.93
H21 EDO M . -4.70 -6.86 -16.21
H22 EDO M . -6.09 -7.94 -16.10
HO2 EDO M . -4.87 -8.45 -17.99
S DMS N . -7.66 3.67 16.75
O DMS N . -7.42 2.29 16.19
C1 DMS N . -9.12 4.42 15.97
C2 DMS N . -8.28 3.49 18.44
H11 DMS N . -9.26 4.02 15.01
H12 DMS N . -8.98 5.47 15.91
H13 DMS N . -9.98 4.22 16.57
H21 DMS N . -7.47 3.55 19.12
H22 DMS N . -8.77 2.56 18.54
H23 DMS N . -8.97 4.27 18.65
C1 EDO O . -5.76 5.10 28.78
O1 EDO O . -4.66 5.96 28.40
C2 EDO O . -5.54 3.66 28.30
O2 EDO O . -4.73 2.89 29.20
H11 EDO O . -5.86 5.10 29.86
H12 EDO O . -6.68 5.49 28.35
HO1 EDO O . -4.87 6.87 28.63
H21 EDO O . -6.52 3.17 28.18
H22 EDO O . -5.06 3.68 27.31
HO2 EDO O . -4.47 2.07 28.78
N1 M6L P . -4.88 1.24 16.91
N3 M6L P . -4.54 1.67 21.45
C4 M6L P . -4.42 0.84 20.26
C5 M6L P . -3.93 1.68 19.09
C6 M6L P . -3.97 0.86 17.82
C7 M6L P . -5.03 0.60 15.62
C8 M6L P . -5.59 -0.81 15.67
C10 M6L P . -5.74 -3.05 14.87
C13 M6L P . -3.88 1.43 22.60
C15 M6L P . -3.00 3.51 23.65
C17 M6L P . -4.36 5.20 24.87
C20 M6L P . -5.48 -0.86 26.84
C21 M6L P . -4.92 -1.45 28.10
C22 M6L P . -5.72 -1.60 29.23
C24 M6L P . -3.84 -2.45 30.47
C26 M6L P . -3.58 -1.79 28.18
C1 M6L P . -5.39 -1.94 21.28
C11 M6L P . -6.52 -3.36 15.96
C12 M6L P . -6.81 -2.36 16.86
C14 M6L P . -4.11 2.46 23.70
C16 M6L P . -3.01 4.55 24.77
C18 M6L P . -1.91 5.58 24.54
C19 M6L P . -4.97 0.83 25.24
C2 M6L P . -6.28 -0.75 21.06
C23 M6L P . -5.18 -2.10 30.41
C25 M6L P . -3.05 -2.29 29.35
C3 M6L P . -5.76 0.18 19.95
C9 M6L P . -5.26 -1.77 14.71
N2 M6L P . -6.36 -1.09 16.73
N4 M6L P . -4.28 1.94 25.05
O1 M6L P . -4.87 2.74 18.98
O2 M6L P . -3.25 -0.12 17.70
O3 M6L P . -3.12 0.47 22.75
O4 M6L P . -5.90 0.48 24.57
O5 M6L P . -4.66 0.28 26.44
H9 M6L P . -5.41 1.91 17.10
H16 M6L P . -5.08 2.38 21.42
H8 M6L P . -3.78 0.12 20.46
H11 M6L P . -4.14 0.59 15.19
H10 M6L P . -5.61 1.17 15.07
H13 M6L P . -5.51 -3.74 14.21
H19 M6L P . -3.04 3.98 22.79
H18 M6L P . -2.12 3.05 23.66
H23 M6L P . -4.99 4.63 25.35
H22 M6L P . -4.30 6.06 25.35
H21 M6L P . -4.73 5.39 23.99
H29 M6L P . -5.48 -1.53 26.13
H28 M6L P . -6.40 -0.55 26.99
H30 M6L P . -6.67 -1.37 29.20
H32 M6L P . -3.46 -2.78 31.30
H34 M6L P . -3.01 -1.69 27.39
H2 M6L P . -5.45 -2.57 20.54
H1 M6L P . -5.62 -2.41 22.11
H3 M6L P . -4.45 -1.66 21.36
H14 M6L P . -6.88 -4.27 16.09
H15 M6L P . -7.36 -2.53 17.64
H17 M6L P . -4.99 2.84 23.49
H20 M6L P . -2.84 4.10 25.62
H25 M6L P . -1.92 5.92 23.61
H26 M6L P . -1.03 5.22 24.71
H24 M6L P . -2.03 6.36 25.13
H5 M6L P . -7.19 -1.07 20.84
H4 M6L P . -6.37 -0.25 21.90
H31 M6L P . -5.75 -2.20 31.20
H33 M6L P . -2.10 -2.52 29.39
H7 M6L P . -5.70 -0.33 19.13
H6 M6L P . -6.43 0.87 19.78
H12 M6L P . -4.70 -1.53 13.95
H27 M6L P . -4.22 2.50 25.73
H36 M6L P . -4.66 3.31 19.58
C1 PEG Q . -26.78 10.47 14.36
O1 PEG Q . -27.42 11.10 15.44
C2 PEG Q . -27.20 11.12 13.03
O2 PEG Q . -26.54 10.43 11.99
C3 PEG Q . -25.87 11.23 11.05
C4 PEG Q . -24.74 10.43 10.39
O4 PEG Q . -23.54 11.19 10.30
H11 PEG Q . -25.70 10.55 14.47
H12 PEG Q . -27.06 9.42 14.34
HO1 PEG Q . -27.77 11.93 15.15
H21 PEG Q . -28.26 11.03 12.90
H22 PEG Q . -26.90 12.15 13.02
H31 PEG Q . -26.57 11.54 10.28
H32 PEG Q . -25.46 12.10 11.53
H41 PEG Q . -24.54 9.54 10.99
H42 PEG Q . -25.04 10.13 9.39
HO4 PEG Q . -23.15 11.26 11.15
C1 EDO R . -16.05 2.51 8.94
O1 EDO R . -17.37 3.09 8.98
C2 EDO R . -15.98 1.42 9.99
O2 EDO R . -14.62 1.00 10.16
H11 EDO R . -15.86 2.10 7.95
H12 EDO R . -15.30 3.28 9.13
HO1 EDO R . -17.46 3.72 8.26
H21 EDO R . -16.38 1.79 10.94
H22 EDO R . -16.60 0.57 9.70
HO2 EDO R . -14.57 0.04 10.03
C1 PEG S . -52.93 10.30 -0.84
O1 PEG S . -53.08 9.94 -2.18
C2 PEG S . -52.14 9.19 -0.11
O2 PEG S . -51.09 8.71 -0.90
C3 PEG S . -49.90 8.59 -0.17
C4 PEG S . -48.88 7.73 -0.90
O4 PEG S . -48.94 8.01 -2.28
H11 PEG S . -52.39 11.23 -0.77
H12 PEG S . -53.90 10.40 -0.37
HO1 PEG S . -53.57 9.14 -2.24
H21 PEG S . -51.72 9.61 0.80
H22 PEG S . -52.81 8.38 0.13
H31 PEG S . -49.50 9.58 -0.02
H32 PEG S . -50.13 8.14 0.79
H41 PEG S . -47.89 7.96 -0.52
H42 PEG S . -49.10 6.68 -0.73
HO4 PEG S . -48.07 8.22 -2.58
S DMS T . -17.38 -2.76 6.54
O DMS T . -18.04 -1.67 7.31
C1 DMS T . -15.71 -3.07 7.20
C2 DMS T . -18.15 -4.33 7.05
H11 DMS T . -15.15 -2.17 7.17
H12 DMS T . -15.22 -3.81 6.61
H13 DMS T . -15.78 -3.42 8.19
H21 DMS T . -19.16 -4.15 7.31
H22 DMS T . -17.63 -4.73 7.87
H23 DMS T . -18.11 -5.01 6.24
S DMS U . -8.88 -14.92 -1.13
O DMS U . -9.72 -15.21 -2.33
C1 DMS U . -7.62 -13.68 -1.50
C2 DMS U . -9.81 -14.05 0.14
H11 DMS U . -6.88 -14.09 -2.15
H12 DMS U . -7.15 -13.36 -0.60
H13 DMS U . -8.07 -12.84 -1.98
H21 DMS U . -10.67 -14.61 0.38
H22 DMS U . -10.09 -13.09 -0.22
H23 DMS U . -9.20 -13.95 1.01
C1 PEG V . -42.56 -4.65 9.30
O1 PEG V . -42.94 -3.39 9.73
C2 PEG V . -43.81 -5.41 8.87
O2 PEG V . -43.46 -6.28 7.84
C3 PEG V . -43.99 -5.93 6.59
C4 PEG V . -45.44 -5.45 6.52
O4 PEG V . -45.58 -4.14 7.02
H11 PEG V . -41.88 -4.55 8.47
H12 PEG V . -42.06 -5.17 10.11
HO1 PEG V . -42.21 -2.96 10.15
H21 PEG V . -44.19 -5.98 9.71
H22 PEG V . -44.57 -4.72 8.53
H31 PEG V . -43.36 -5.14 6.19
H32 PEG V . -43.91 -6.80 5.95
H41 PEG V . -45.77 -5.48 5.49
H42 PEG V . -46.05 -6.12 7.12
HO4 PEG V . -44.96 -3.56 6.61
N1 M6L W . -20.71 -1.04 7.63
N3 M6L W . -22.88 -5.04 6.86
C4 M6L W . -22.82 -3.78 7.59
C5 M6L W . -22.21 -2.68 6.72
C6 M6L W . -21.97 -1.43 7.53
C7 M6L W . -20.31 0.13 8.40
C8 M6L W . -20.46 0.01 9.90
C10 M6L W . -20.84 0.93 12.06
C13 M6L W . -24.00 -5.75 6.75
C15 M6L W . -24.34 -6.63 4.43
C17 M6L W . -22.93 -8.41 3.35
C20 M6L W . -25.64 -9.73 9.36
C21 M6L W . -26.88 -10.55 9.51
C22 M6L W . -28.11 -10.02 9.16
C24 M6L W . -29.18 -12.12 9.63
C26 M6L W . -26.82 -11.88 9.92
C1 M6L W . -22.81 -4.83 11.12
C11 M6L W . -20.60 -0.31 12.61
C12 M6L W . -20.32 -1.34 11.75
C14 M6L W . -23.90 -7.00 5.85
C16 M6L W . -24.30 -7.75 3.40
C18 M6L W . -24.68 -7.24 2.00
C19 M6L W . -24.58 -8.47 7.65
C2 M6L W . -22.45 -5.18 9.69
C23 M6L W . -29.26 -10.81 9.21
C25 M6L W . -27.96 -12.66 9.98
C3 M6L W . -22.02 -3.97 8.88
C9 M6L W . -20.77 1.10 10.69
N2 M6L W . -20.24 -1.22 10.42
N4 M6L W . -24.64 -8.14 6.35
O1 M6L W . -20.97 -3.16 6.21
O2 M6L W . -22.91 -0.88 8.10
O3 M6L W . -25.07 -5.42 7.28
O4 M6L W . -23.58 -8.34 8.32
O5 M6L W . -25.65 -9.21 8.00
H9 M6L W . -20.09 -1.51 7.21
H16 M6L W . -22.14 -5.35 6.49
H8 M6L W . -23.74 -3.54 7.83
H11 M6L W . -20.85 0.88 8.07
H10 M6L W . -19.38 0.31 8.17
H13 M6L W . -21.05 1.69 12.64
H19 M6L W . -23.77 -5.90 4.11
H18 M6L W . -25.24 -6.27 4.47
H23 M6L W . -22.87 -9.18 3.95
H22 M6L W . -22.72 -8.73 2.45
H21 M6L W . -22.22 -7.78 3.60
H29 M6L W . -25.63 -8.99 10.00
H28 M6L W . -24.84 -10.29 9.50
H30 M6L W . -28.19 -9.09 8.87
H32 M6L W . -30.00 -12.67 9.66
H34 M6L W . -25.96 -12.28 10.18
H2 M6L W . -22.43 -3.97 11.38
H1 M6L W . -22.47 -5.49 11.75
H3 M6L W . -23.78 -4.78 11.24
H14 M6L W . -20.65 -0.45 13.57
H15 M6L W . -20.14 -2.24 12.08
H17 M6L W . -22.97 -7.27 5.87
H20 M6L W . -24.96 -8.43 3.67
H25 M6L W . -24.04 -6.57 1.67
H26 M6L W . -25.57 -6.82 2.00
H24 M6L W . -24.70 -7.97 1.35
H5 M6L W . -21.73 -5.86 9.70
H4 M6L W . -23.22 -5.62 9.27
H31 M6L W . -30.13 -10.42 8.97
H33 M6L W . -27.91 -13.59 10.26
H7 M6L W . -22.11 -3.17 9.44
H6 M6L W . -21.07 -4.04 8.66
H12 M6L W . -20.93 1.99 10.29
H27 M6L W . -24.85 -8.80 5.80
H36 M6L W . -21.13 -3.41 5.41
#